data_5NT1
#
_entry.id   5NT1
#
_cell.length_a   131.380
_cell.length_b   225.230
_cell.length_c   146.430
_cell.angle_alpha   90.00
_cell.angle_beta   90.00
_cell.angle_gamma   90.00
#
_symmetry.space_group_name_H-M   'C 2 2 2'
#
loop_
_entity.id
_entity.type
_entity.pdbx_description
1 polymer 'E3 ubiquitin/ISG15 ligase TRIM25'
2 polymer 'Non-structural protein 1'
3 water water
#
loop_
_entity_poly.entity_id
_entity_poly.type
_entity_poly.pdbx_seq_one_letter_code
_entity_poly.pdbx_strand_id
1 'polypeptide(L)'
;GPGSLSQASADLEATLRHKLTVMYSQINGASRALDDVRNRQQDVRMTANRKVEQLQQEYTEMKALLDASETTSTRKIKEE
EKRVNSKFDTIYQILLKKKSEIQTLKEEIEQSLTKRDEFEFLEKASKLRGISTKPVYIPEVELNHKLIKGIHQSTIDLKN
ELKQCIGRLQELTPSSGDPGEHDPASTHKSTRP
;
A,E,I
2 'polypeptide(L)'
;GPGTMASVPASRYLTDMTLEEMSREWSMLIPKQKVAGPLCIRMDQAIMDKNIILKANFSVIFDRLETLILLRAFTEEGAI
VGEISPLPSLPGHTAEDVKNAVGVLIGGLEWNDNTVRVSETLQRFAWRSSNENGRPPLTPKQKREMAGTIRSEV
;
B,F,J
#
# COMPACT_ATOMS: atom_id res chain seq x y z
N SER A 4 52.81 -34.16 -57.11
CA SER A 4 52.94 -32.96 -56.30
C SER A 4 51.59 -32.51 -55.76
N LEU A 5 50.53 -33.24 -56.12
CA LEU A 5 49.19 -32.88 -55.68
C LEU A 5 48.77 -33.61 -54.42
N SER A 6 49.14 -34.89 -54.28
CA SER A 6 48.95 -35.57 -53.01
C SER A 6 49.75 -34.89 -51.89
N GLN A 7 50.72 -34.05 -52.25
CA GLN A 7 51.46 -33.27 -51.25
C GLN A 7 50.71 -31.99 -50.89
N ALA A 8 50.11 -31.33 -51.87
CA ALA A 8 49.33 -30.13 -51.56
C ALA A 8 48.04 -30.47 -50.80
N SER A 9 47.54 -31.71 -50.90
CA SER A 9 46.41 -32.13 -50.06
C SER A 9 46.88 -32.45 -48.66
N ALA A 10 48.05 -33.07 -48.52
CA ALA A 10 48.63 -33.24 -47.20
C ALA A 10 48.89 -31.89 -46.55
N ASP A 11 49.37 -30.92 -47.33
CA ASP A 11 49.57 -29.57 -46.82
C ASP A 11 48.25 -28.96 -46.39
N LEU A 12 47.17 -29.22 -47.13
CA LEU A 12 45.88 -28.65 -46.78
C LEU A 12 45.32 -29.30 -45.52
N GLU A 13 45.20 -30.64 -45.53
CA GLU A 13 44.84 -31.40 -44.33
C GLU A 13 45.59 -30.93 -43.10
N ALA A 14 46.87 -30.59 -43.26
CA ALA A 14 47.68 -30.15 -42.13
C ALA A 14 47.21 -28.79 -41.63
N THR A 15 46.99 -27.83 -42.54
CA THR A 15 46.52 -26.51 -42.14
C THR A 15 45.10 -26.53 -41.58
N LEU A 16 44.27 -27.49 -41.99
CA LEU A 16 42.87 -27.48 -41.54
C LEU A 16 42.73 -28.07 -40.14
N ARG A 17 43.42 -29.18 -39.86
CA ARG A 17 43.31 -29.75 -38.51
C ARG A 17 43.92 -28.84 -37.46
N HIS A 18 44.87 -27.99 -37.85
CA HIS A 18 45.35 -26.96 -36.93
C HIS A 18 44.41 -25.77 -36.89
N LYS A 19 43.64 -25.55 -37.96
CA LYS A 19 42.59 -24.55 -37.91
C LYS A 19 41.35 -25.08 -37.18
N LEU A 20 41.19 -26.41 -37.13
CA LEU A 20 40.09 -26.97 -36.36
C LEU A 20 40.32 -26.81 -34.86
N THR A 21 41.58 -26.87 -34.41
CA THR A 21 41.85 -26.76 -32.98
C THR A 21 41.72 -25.32 -32.49
N VAL A 22 42.18 -24.35 -33.30
CA VAL A 22 41.96 -22.96 -32.91
C VAL A 22 40.47 -22.69 -32.80
N MET A 23 39.64 -23.44 -33.52
CA MET A 23 38.19 -23.19 -33.50
C MET A 23 37.52 -23.70 -32.23
N TYR A 24 38.06 -24.73 -31.57
CA TYR A 24 37.45 -25.15 -30.32
C TYR A 24 37.82 -24.21 -29.19
N SER A 25 39.03 -23.69 -29.20
CA SER A 25 39.43 -22.74 -28.16
C SER A 25 38.59 -21.48 -28.22
N GLN A 26 38.02 -21.17 -29.38
CA GLN A 26 37.18 -19.98 -29.51
C GLN A 26 35.70 -20.29 -29.31
N ILE A 27 35.27 -21.51 -29.61
CA ILE A 27 33.93 -21.95 -29.25
C ILE A 27 33.79 -22.06 -27.73
N ASN A 28 34.79 -22.66 -27.08
CA ASN A 28 34.80 -22.67 -25.62
C ASN A 28 34.93 -21.26 -25.05
N GLY A 29 35.77 -20.42 -25.66
CA GLY A 29 35.89 -19.06 -25.20
C GLY A 29 34.59 -18.31 -25.29
N ALA A 30 33.82 -18.56 -26.36
CA ALA A 30 32.51 -17.94 -26.51
C ALA A 30 31.54 -18.43 -25.44
N SER A 31 31.56 -19.73 -25.14
CA SER A 31 30.67 -20.26 -24.11
C SER A 31 30.97 -19.67 -22.74
N ARG A 32 32.24 -19.45 -22.42
CA ARG A 32 32.56 -18.81 -21.14
C ARG A 32 32.18 -17.33 -21.14
N ALA A 33 32.17 -16.69 -22.31
CA ALA A 33 31.69 -15.31 -22.37
C ALA A 33 30.18 -15.25 -22.20
N LEU A 34 29.47 -16.25 -22.70
CA LEU A 34 28.02 -16.33 -22.50
C LEU A 34 27.69 -16.49 -21.03
N ASP A 35 28.34 -17.44 -20.35
CA ASP A 35 28.14 -17.59 -18.92
C ASP A 35 28.43 -16.28 -18.20
N ASP A 36 29.45 -15.55 -18.67
CA ASP A 36 29.80 -14.29 -18.02
C ASP A 36 28.62 -13.32 -18.04
N VAL A 37 27.98 -13.11 -19.19
CA VAL A 37 26.92 -12.11 -19.24
C VAL A 37 25.68 -12.60 -18.48
N ARG A 38 25.35 -13.89 -18.56
CA ARG A 38 24.25 -14.41 -17.76
C ARG A 38 24.49 -14.17 -16.27
N ASN A 39 25.71 -14.40 -15.79
CA ASN A 39 26.04 -14.13 -14.40
C ASN A 39 26.01 -12.64 -14.12
N ARG A 40 26.47 -11.81 -15.08
CA ARG A 40 26.45 -10.37 -14.88
C ARG A 40 25.02 -9.87 -14.72
N GLN A 41 24.12 -10.34 -15.58
CA GLN A 41 22.76 -9.84 -15.52
C GLN A 41 21.98 -10.47 -14.37
N GLN A 42 22.37 -11.67 -13.93
CA GLN A 42 21.87 -12.18 -12.65
C GLN A 42 22.30 -11.30 -11.49
N ASP A 43 23.51 -10.73 -11.55
CA ASP A 43 23.99 -9.90 -10.46
C ASP A 43 23.17 -8.60 -10.38
N VAL A 44 22.85 -7.99 -11.54
CA VAL A 44 22.08 -6.75 -11.46
C VAL A 44 20.66 -7.00 -10.96
N ARG A 45 20.11 -8.19 -11.17
CA ARG A 45 18.84 -8.54 -10.54
C ARG A 45 18.97 -8.50 -9.02
N MET A 46 19.90 -9.30 -8.46
CA MET A 46 20.07 -9.31 -7.01
C MET A 46 20.29 -7.90 -6.49
N THR A 47 21.07 -7.11 -7.21
CA THR A 47 21.34 -5.74 -6.75
C THR A 47 20.06 -4.93 -6.73
N ALA A 48 19.22 -5.07 -7.75
CA ALA A 48 18.00 -4.28 -7.86
C ALA A 48 16.97 -4.73 -6.85
N ASN A 49 16.77 -6.04 -6.71
CA ASN A 49 15.78 -6.55 -5.77
C ASN A 49 16.13 -6.15 -4.34
N ARG A 50 17.42 -6.15 -4.00
CA ARG A 50 17.79 -5.78 -2.63
C ARG A 50 17.47 -4.31 -2.37
N LYS A 51 17.68 -3.45 -3.37
CA LYS A 51 17.36 -2.04 -3.18
C LYS A 51 15.87 -1.81 -3.12
N VAL A 52 15.10 -2.55 -3.91
CA VAL A 52 13.65 -2.48 -3.78
C VAL A 52 13.23 -2.96 -2.39
N GLU A 53 13.81 -4.07 -1.94
CA GLU A 53 13.49 -4.55 -0.59
C GLU A 53 13.89 -3.53 0.47
N GLN A 54 15.02 -2.83 0.27
CA GLN A 54 15.38 -1.78 1.22
C GLN A 54 14.43 -0.59 1.15
N LEU A 55 13.88 -0.29 -0.03
CA LEU A 55 12.93 0.81 -0.12
C LEU A 55 11.68 0.50 0.68
N GLN A 56 11.17 -0.73 0.52
CA GLN A 56 9.93 -1.12 1.18
C GLN A 56 10.06 -1.09 2.70
N GLN A 57 11.25 -1.41 3.22
CA GLN A 57 11.43 -1.32 4.67
C GLN A 57 11.41 0.12 5.15
N GLU A 58 11.83 1.08 4.30
CA GLU A 58 11.72 2.47 4.69
C GLU A 58 10.25 2.89 4.74
N TYR A 59 9.48 2.56 3.69
CA TYR A 59 8.08 2.96 3.64
C TYR A 59 7.24 2.26 4.72
N THR A 60 7.63 1.07 5.18
CA THR A 60 6.94 0.48 6.34
C THR A 60 7.25 1.24 7.62
N GLU A 61 8.47 1.74 7.78
CA GLU A 61 8.76 2.63 8.89
C GLU A 61 7.94 3.91 8.81
N MET A 62 7.83 4.48 7.62
CA MET A 62 7.04 5.70 7.48
C MET A 62 5.58 5.42 7.79
N LYS A 63 5.01 4.36 7.21
CA LYS A 63 3.61 4.04 7.51
C LYS A 63 3.40 3.83 9.00
N ALA A 64 4.41 3.37 9.72
CA ALA A 64 4.27 3.16 11.15
C ALA A 64 4.39 4.48 11.93
N LEU A 65 5.25 5.40 11.46
CA LEU A 65 5.23 6.76 11.99
C LEU A 65 3.85 7.40 11.86
N LEU A 66 3.24 7.27 10.69
CA LEU A 66 1.89 7.81 10.51
C LEU A 66 0.90 7.15 11.45
N ASP A 67 0.95 5.83 11.59
CA ASP A 67 0.07 5.16 12.55
C ASP A 67 0.27 5.71 13.96
N ALA A 68 1.53 5.94 14.35
CA ALA A 68 1.83 6.52 15.65
C ALA A 68 1.25 7.92 15.78
N SER A 69 1.49 8.77 14.78
CA SER A 69 0.95 10.13 14.81
C SER A 69 -0.57 10.10 14.88
N GLU A 70 -1.20 9.24 14.08
CA GLU A 70 -2.66 9.15 14.05
C GLU A 70 -3.20 8.74 15.41
N THR A 71 -2.71 7.63 15.99
CA THR A 71 -3.26 7.22 17.28
C THR A 71 -2.94 8.24 18.37
N THR A 72 -1.84 8.99 18.23
CA THR A 72 -1.53 10.04 19.19
C THR A 72 -2.50 11.21 19.06
N SER A 73 -2.81 11.61 17.83
CA SER A 73 -3.75 12.72 17.63
C SER A 73 -5.17 12.32 18.01
N THR A 74 -5.60 11.10 17.66
CA THR A 74 -6.93 10.70 18.10
C THR A 74 -6.98 10.51 19.62
N ARG A 75 -5.85 10.25 20.28
CA ARG A 75 -5.89 10.11 21.73
C ARG A 75 -6.08 11.47 22.39
N LYS A 76 -5.43 12.50 21.84
CA LYS A 76 -5.65 13.88 22.30
C LYS A 76 -7.10 14.30 22.16
N ILE A 77 -7.72 14.01 21.01
CA ILE A 77 -9.10 14.40 20.77
C ILE A 77 -10.04 13.65 21.71
N LYS A 78 -9.82 12.35 21.86
CA LYS A 78 -10.70 11.56 22.72
C LYS A 78 -10.52 11.90 24.19
N GLU A 79 -9.34 12.38 24.59
CA GLU A 79 -9.16 12.78 25.97
C GLU A 79 -9.71 14.17 26.23
N GLU A 80 -9.77 15.03 25.21
CA GLU A 80 -10.51 16.28 25.33
C GLU A 80 -12.01 16.01 25.42
N GLU A 81 -12.50 15.01 24.70
CA GLU A 81 -13.90 14.62 24.82
C GLU A 81 -14.21 14.16 26.23
N LYS A 82 -13.39 13.26 26.78
CA LYS A 82 -13.69 12.71 28.09
C LYS A 82 -13.46 13.73 29.20
N ARG A 83 -12.67 14.77 28.96
CA ARG A 83 -12.50 15.83 29.96
C ARG A 83 -13.82 16.55 30.20
N VAL A 84 -14.47 17.01 29.12
CA VAL A 84 -15.73 17.72 29.31
C VAL A 84 -16.85 16.75 29.69
N ASN A 85 -16.88 15.55 29.10
CA ASN A 85 -17.97 14.63 29.40
C ASN A 85 -17.91 14.12 30.83
N SER A 86 -16.73 14.13 31.45
CA SER A 86 -16.67 13.79 32.86
C SER A 86 -17.13 14.96 33.72
N LYS A 87 -16.81 16.18 33.31
CA LYS A 87 -17.28 17.35 34.06
C LYS A 87 -18.81 17.43 33.99
N PHE A 88 -19.39 17.12 32.83
CA PHE A 88 -20.84 17.02 32.73
C PHE A 88 -21.40 15.89 33.59
N ASP A 89 -20.63 14.81 33.79
CA ASP A 89 -21.15 13.70 34.58
C ASP A 89 -21.23 14.07 36.05
N THR A 90 -20.27 14.84 36.56
CA THR A 90 -20.37 15.32 37.94
C THR A 90 -21.51 16.32 38.07
N ILE A 91 -21.77 17.09 37.01
CA ILE A 91 -22.91 18.00 37.01
C ILE A 91 -24.22 17.23 37.00
N TYR A 92 -24.32 16.20 36.15
CA TYR A 92 -25.51 15.37 36.14
C TYR A 92 -25.82 14.83 37.52
N GLN A 93 -24.81 14.34 38.24
CA GLN A 93 -25.08 13.74 39.54
C GLN A 93 -25.42 14.78 40.59
N ILE A 94 -24.93 16.02 40.44
CA ILE A 94 -25.37 17.10 41.32
C ILE A 94 -26.85 17.38 41.11
N LEU A 95 -27.24 17.62 39.85
CA LEU A 95 -28.63 17.91 39.54
C LEU A 95 -29.54 16.74 39.92
N LEU A 96 -29.06 15.51 39.80
CA LEU A 96 -29.87 14.37 40.20
C LEU A 96 -30.04 14.35 41.71
N LYS A 97 -28.96 14.62 42.47
CA LYS A 97 -29.07 14.65 43.93
C LYS A 97 -30.00 15.77 44.38
N LYS A 98 -29.84 16.97 43.78
CA LYS A 98 -30.75 18.07 44.07
C LYS A 98 -32.19 17.69 43.73
N LYS A 99 -32.37 16.91 42.66
CA LYS A 99 -33.71 16.44 42.32
C LYS A 99 -34.22 15.41 43.31
N SER A 100 -33.33 14.64 43.93
CA SER A 100 -33.80 13.63 44.88
C SER A 100 -34.21 14.26 46.21
N GLU A 101 -33.44 15.25 46.68
CA GLU A 101 -33.82 15.95 47.89
C GLU A 101 -35.20 16.57 47.74
N ILE A 102 -35.49 17.15 46.58
CA ILE A 102 -36.80 17.76 46.36
C ILE A 102 -37.86 16.69 46.25
N GLN A 103 -37.56 15.60 45.53
CA GLN A 103 -38.51 14.51 45.42
C GLN A 103 -38.79 13.90 46.79
N THR A 104 -37.73 13.71 47.60
CA THR A 104 -37.90 13.12 48.91
C THR A 104 -38.76 14.01 49.80
N LEU A 105 -38.41 15.29 49.90
CA LEU A 105 -39.11 16.19 50.81
C LEU A 105 -40.57 16.36 50.40
N LYS A 106 -40.84 16.40 49.10
CA LYS A 106 -42.22 16.50 48.64
C LYS A 106 -43.04 15.27 49.04
N GLU A 107 -42.41 14.08 49.04
CA GLU A 107 -43.12 12.88 49.46
C GLU A 107 -43.49 12.95 50.94
N GLU A 108 -42.60 13.49 51.77
CA GLU A 108 -42.92 13.68 53.18
C GLU A 108 -44.07 14.67 53.35
N ILE A 109 -44.05 15.76 52.58
CA ILE A 109 -45.17 16.71 52.61
C ILE A 109 -46.44 16.06 52.08
N GLU A 110 -46.32 15.14 51.12
CA GLU A 110 -47.51 14.52 50.55
C GLU A 110 -48.19 13.57 51.53
N GLN A 111 -47.40 12.83 52.33
CA GLN A 111 -47.99 11.94 53.32
C GLN A 111 -48.01 12.54 54.72
N SER A 112 -47.61 13.81 54.88
CA SER A 112 -47.99 14.54 56.07
C SER A 112 -49.37 15.16 55.91
N LEU A 113 -49.77 15.45 54.69
CA LEU A 113 -51.08 15.99 54.38
C LEU A 113 -52.13 14.90 54.16
N THR A 114 -51.77 13.63 54.34
CA THR A 114 -52.76 12.57 54.37
C THR A 114 -53.22 12.28 55.79
N LYS A 115 -52.38 12.56 56.77
CA LYS A 115 -52.77 12.56 58.18
C LYS A 115 -52.97 13.99 58.67
N ARG A 116 -53.65 14.79 57.87
CA ARG A 116 -53.72 16.23 58.05
C ARG A 116 -54.84 16.69 58.97
N ASP A 117 -55.91 15.91 59.09
CA ASP A 117 -57.04 16.27 59.93
C ASP A 117 -56.94 15.66 61.33
N GLU A 118 -55.97 14.77 61.56
CA GLU A 118 -55.48 14.54 62.90
C GLU A 118 -55.12 15.88 63.52
N PHE A 119 -55.49 16.07 64.79
CA PHE A 119 -55.20 17.35 65.42
C PHE A 119 -53.71 17.67 65.38
N GLU A 120 -52.87 16.64 65.45
CA GLU A 120 -51.43 16.81 65.60
C GLU A 120 -50.71 17.18 64.30
N PHE A 121 -51.46 17.50 63.25
CA PHE A 121 -50.82 17.80 61.96
C PHE A 121 -49.89 19.01 62.06
N LEU A 122 -50.32 20.06 62.77
CA LEU A 122 -49.55 21.30 62.81
C LEU A 122 -48.14 21.07 63.37
N GLU A 123 -48.06 20.46 64.57
CA GLU A 123 -46.78 20.27 65.20
C GLU A 123 -45.83 19.45 64.33
N LYS A 124 -46.38 18.54 63.52
CA LYS A 124 -45.53 17.69 62.69
C LYS A 124 -45.11 18.37 61.38
N ALA A 125 -45.88 19.34 60.90
CA ALA A 125 -45.68 19.91 59.58
C ALA A 125 -45.18 21.35 59.59
N SER A 126 -45.06 22.00 60.76
CA SER A 126 -44.41 23.31 60.79
C SER A 126 -42.94 23.21 60.46
N LYS A 127 -42.35 22.02 60.60
CA LYS A 127 -40.96 21.79 60.24
C LYS A 127 -40.77 21.83 58.73
N LEU A 128 -41.80 21.49 57.95
CA LEU A 128 -41.63 21.24 56.52
C LEU A 128 -41.80 22.48 55.67
N ARG A 129 -42.50 23.52 56.16
CA ARG A 129 -42.55 24.77 55.40
C ARG A 129 -41.18 25.44 55.33
N GLY A 130 -40.32 25.17 56.32
CA GLY A 130 -39.05 25.87 56.43
C GLY A 130 -37.97 25.40 55.47
N ILE A 131 -37.89 24.09 55.22
CA ILE A 131 -36.84 23.57 54.34
C ILE A 131 -37.14 23.98 52.90
N SER A 132 -36.29 24.82 52.34
CA SER A 132 -36.30 25.12 50.90
C SER A 132 -34.90 24.85 50.33
N THR A 133 -34.48 23.58 50.41
CA THR A 133 -33.14 23.16 50.02
C THR A 133 -33.01 23.14 48.50
N LYS A 134 -32.99 24.33 47.92
CA LYS A 134 -32.84 24.49 46.48
C LYS A 134 -31.80 25.55 46.17
N PRO A 135 -30.57 25.16 45.83
CA PRO A 135 -29.55 26.15 45.49
C PRO A 135 -28.65 25.73 44.34
N VAL A 136 -27.34 25.84 44.59
CA VAL A 136 -26.20 25.34 43.81
C VAL A 136 -25.97 26.11 42.51
N TYR A 137 -24.70 26.38 42.22
CA TYR A 137 -24.26 27.05 41.02
C TYR A 137 -23.37 26.10 40.22
N ILE A 138 -23.54 26.11 38.91
CA ILE A 138 -22.81 25.21 38.02
C ILE A 138 -22.00 26.06 37.04
N PRO A 139 -20.68 26.02 37.06
CA PRO A 139 -19.90 26.80 36.09
C PRO A 139 -20.01 26.19 34.70
N GLU A 140 -19.84 27.04 33.69
CA GLU A 140 -19.99 26.59 32.32
C GLU A 140 -18.85 25.65 31.92
N VAL A 141 -19.20 24.58 31.21
CA VAL A 141 -18.24 23.64 30.68
C VAL A 141 -18.12 23.87 29.17
N GLU A 142 -16.90 24.04 28.69
CA GLU A 142 -16.67 24.49 27.32
C GLU A 142 -15.76 23.51 26.60
N LEU A 143 -16.30 22.82 25.59
CA LEU A 143 -15.44 22.01 24.72
C LEU A 143 -14.49 22.92 23.95
N ASN A 144 -13.22 22.50 23.89
CA ASN A 144 -12.19 23.33 23.28
C ASN A 144 -12.19 23.11 21.77
N HIS A 145 -13.02 23.87 21.06
CA HIS A 145 -13.12 23.72 19.61
C HIS A 145 -11.83 24.11 18.91
N LYS A 146 -11.19 25.21 19.34
CA LYS A 146 -9.97 25.64 18.70
C LYS A 146 -8.91 24.55 18.71
N LEU A 147 -8.75 23.87 19.85
CA LEU A 147 -7.77 22.79 19.96
C LEU A 147 -8.11 21.66 19.01
N ILE A 148 -9.36 21.20 19.05
CA ILE A 148 -9.83 20.10 18.22
C ILE A 148 -9.65 20.43 16.74
N LYS A 149 -10.12 21.60 16.31
CA LYS A 149 -10.03 21.98 14.90
C LYS A 149 -8.59 22.23 14.48
N GLY A 150 -7.74 22.67 15.41
CA GLY A 150 -6.36 22.92 15.06
C GLY A 150 -5.59 21.63 14.83
N ILE A 151 -5.87 20.60 15.63
CA ILE A 151 -5.30 19.29 15.36
C ILE A 151 -5.64 18.84 13.95
N HIS A 152 -6.88 19.07 13.51
CA HIS A 152 -7.26 18.68 12.16
C HIS A 152 -6.56 19.57 11.13
N GLN A 153 -6.54 20.88 11.36
CA GLN A 153 -5.94 21.79 10.39
C GLN A 153 -4.45 21.51 10.19
N SER A 154 -3.71 21.28 11.28
CA SER A 154 -2.29 21.05 11.11
C SER A 154 -1.97 19.61 10.75
N THR A 155 -2.94 18.71 10.86
CA THR A 155 -2.80 17.40 10.25
C THR A 155 -2.91 17.49 8.74
N ILE A 156 -3.77 18.40 8.24
CA ILE A 156 -3.81 18.68 6.81
C ILE A 156 -2.51 19.30 6.34
N ASP A 157 -1.93 20.20 7.15
CA ASP A 157 -0.63 20.76 6.83
C ASP A 157 0.42 19.65 6.71
N LEU A 158 0.41 18.70 7.65
CA LEU A 158 1.35 17.58 7.58
C LEU A 158 1.23 16.84 6.25
N LYS A 159 0.01 16.67 5.76
CA LYS A 159 -0.18 15.97 4.49
C LYS A 159 0.42 16.77 3.35
N ASN A 160 0.21 18.08 3.35
CA ASN A 160 0.71 18.92 2.28
C ASN A 160 2.23 18.97 2.27
N GLU A 161 2.87 19.03 3.43
CA GLU A 161 4.33 19.04 3.40
C GLU A 161 4.88 17.64 3.12
N LEU A 162 4.10 16.60 3.39
CA LEU A 162 4.49 15.27 2.95
C LEU A 162 4.44 15.16 1.44
N LYS A 163 3.38 15.67 0.83
CA LYS A 163 3.30 15.67 -0.63
C LYS A 163 4.45 16.48 -1.23
N GLN A 164 4.83 17.59 -0.59
CA GLN A 164 5.93 18.37 -1.15
C GLN A 164 7.26 17.69 -0.93
N CYS A 165 7.42 17.01 0.22
CA CYS A 165 8.64 16.22 0.47
C CYS A 165 8.82 15.14 -0.58
N ILE A 166 7.74 14.42 -0.89
CA ILE A 166 7.79 13.38 -1.89
C ILE A 166 8.21 13.96 -3.24
N GLY A 167 7.66 15.13 -3.58
CA GLY A 167 8.00 15.75 -4.85
C GLY A 167 9.48 16.08 -4.97
N ARG A 168 10.09 16.57 -3.89
CA ARG A 168 11.52 16.88 -3.92
C ARG A 168 12.38 15.63 -4.08
N LEU A 169 11.88 14.48 -3.65
CA LEU A 169 12.60 13.23 -3.81
C LEU A 169 12.56 12.74 -5.26
N GLN A 170 11.36 12.62 -5.82
CA GLN A 170 11.20 12.05 -7.15
C GLN A 170 11.80 12.94 -8.23
N GLU A 171 11.91 14.24 -7.98
CA GLU A 171 12.47 15.11 -9.02
C GLU A 171 13.97 14.89 -9.18
N LEU A 172 14.61 14.26 -8.19
CA LEU A 172 16.06 14.04 -8.20
C LEU A 172 16.48 13.04 -9.26
N THR A 173 15.57 12.20 -9.72
CA THR A 173 15.92 11.12 -10.62
C THR A 173 15.01 11.11 -11.84
N PRO A 174 15.51 10.64 -12.97
CA PRO A 174 14.70 10.60 -14.19
C PRO A 174 13.61 9.53 -14.11
N SER A 175 12.57 9.74 -14.91
CA SER A 175 11.47 8.80 -15.03
C SER A 175 11.30 8.38 -16.48
N SER A 176 10.81 7.17 -16.67
CA SER A 176 10.63 6.63 -18.02
C SER A 176 9.30 5.88 -18.18
N ALA B 10 9.58 6.04 18.62
CA ALA B 10 10.49 6.16 19.75
C ALA B 10 9.90 7.15 20.77
N SER B 11 9.63 6.62 21.97
CA SER B 11 9.01 7.39 23.06
C SER B 11 9.80 7.12 24.34
N ARG B 12 10.58 8.11 24.78
CA ARG B 12 11.45 7.95 25.94
C ARG B 12 11.00 8.86 27.08
N TYR B 13 11.43 8.50 28.29
CA TYR B 13 11.19 9.27 29.51
C TYR B 13 12.54 9.67 30.09
N LEU B 14 12.73 10.96 30.35
CA LEU B 14 14.02 11.47 30.78
C LEU B 14 13.95 11.86 32.25
N THR B 15 14.95 11.45 33.02
CA THR B 15 14.97 11.68 34.47
C THR B 15 16.26 12.39 34.87
N ASP B 16 16.23 13.73 34.82
CA ASP B 16 17.31 14.50 35.42
C ASP B 16 17.43 14.27 36.91
N MET B 17 16.29 14.03 37.58
CA MET B 17 16.22 13.98 39.02
C MET B 17 16.12 12.55 39.50
N THR B 18 16.69 12.31 40.68
CA THR B 18 16.63 11.01 41.32
C THR B 18 15.25 10.78 41.92
N LEU B 19 15.00 9.56 42.39
CA LEU B 19 13.75 9.29 43.06
C LEU B 19 13.61 10.12 44.32
N GLU B 20 14.72 10.36 45.02
CA GLU B 20 14.70 11.16 46.25
C GLU B 20 14.54 12.65 45.93
N GLU B 21 15.20 13.16 44.88
CA GLU B 21 14.97 14.56 44.51
C GLU B 21 13.53 14.80 44.09
N MET B 22 12.86 13.77 43.55
CA MET B 22 11.48 13.96 43.11
C MET B 22 10.52 14.02 44.28
N SER B 23 10.84 13.32 45.36
CA SER B 23 9.96 13.24 46.52
C SER B 23 10.39 14.15 47.66
N ARG B 24 11.63 14.63 47.66
CA ARG B 24 12.11 15.48 48.73
C ARG B 24 11.23 16.72 48.88
N GLU B 25 11.07 17.17 50.11
CA GLU B 25 10.27 18.35 50.38
C GLU B 25 11.17 19.56 50.57
N TRP B 26 10.63 20.73 50.24
CA TRP B 26 11.38 21.96 50.42
C TRP B 26 10.43 23.08 50.79
N SER B 27 10.97 24.12 51.43
CA SER B 27 10.21 25.32 51.75
C SER B 27 10.95 26.55 51.24
N MET B 28 10.19 27.58 50.91
CA MET B 28 10.76 28.86 50.53
C MET B 28 10.90 29.74 51.75
N LEU B 29 12.11 30.28 51.97
CA LEU B 29 12.30 31.18 53.09
C LEU B 29 11.56 32.49 52.87
N ILE B 30 11.52 32.95 51.63
CA ILE B 30 10.65 34.02 51.19
C ILE B 30 9.90 33.52 49.95
N PRO B 31 8.66 33.08 50.11
CA PRO B 31 7.93 32.46 48.99
C PRO B 31 7.63 33.45 47.88
N LYS B 32 7.68 32.94 46.65
CA LYS B 32 7.30 33.69 45.47
C LYS B 32 6.68 32.70 44.51
N GLN B 33 5.40 32.87 44.21
CA GLN B 33 4.63 31.88 43.47
C GLN B 33 3.80 32.56 42.38
N LYS B 34 3.66 31.88 41.25
CA LYS B 34 2.86 32.36 40.13
C LYS B 34 2.25 31.15 39.44
N VAL B 35 1.02 31.27 38.95
CA VAL B 35 0.45 30.29 38.03
C VAL B 35 0.59 30.82 36.62
N ALA B 36 1.26 30.08 35.76
CA ALA B 36 1.57 30.51 34.40
C ALA B 36 0.81 29.60 33.44
N GLY B 37 -0.48 29.86 33.30
CA GLY B 37 -1.37 29.00 32.55
C GLY B 37 -1.58 27.67 33.25
N PRO B 38 -1.15 26.59 32.61
CA PRO B 38 -1.28 25.25 33.19
C PRO B 38 -0.10 24.79 34.04
N LEU B 39 0.82 25.69 34.37
CA LEU B 39 1.99 25.37 35.17
C LEU B 39 2.06 26.31 36.37
N CYS B 40 2.64 25.82 37.46
CA CYS B 40 2.86 26.58 38.68
C CYS B 40 4.36 26.82 38.85
N ILE B 41 4.75 28.06 39.05
CA ILE B 41 6.15 28.46 39.20
C ILE B 41 6.36 28.95 40.64
N ARG B 42 7.34 28.35 41.32
CA ARG B 42 7.68 28.71 42.70
C ARG B 42 9.18 28.94 42.80
N MET B 43 9.57 29.92 43.62
CA MET B 43 10.99 30.16 43.87
C MET B 43 11.18 30.85 45.21
N ASP B 44 12.35 30.66 45.80
CA ASP B 44 12.74 31.30 47.05
C ASP B 44 13.51 32.58 46.71
N GLN B 45 12.89 33.75 46.92
CA GLN B 45 13.63 34.97 46.57
C GLN B 45 14.62 35.39 47.64
N ALA B 46 14.92 34.53 48.60
CA ALA B 46 16.01 34.76 49.54
C ALA B 46 17.33 34.20 49.05
N ILE B 47 17.32 33.40 47.99
CA ILE B 47 18.53 32.82 47.43
C ILE B 47 19.26 33.87 46.60
N MET B 48 20.53 34.10 46.91
CA MET B 48 21.36 35.11 46.26
C MET B 48 22.72 34.52 45.87
N ASP B 49 23.24 35.01 44.75
CA ASP B 49 24.65 34.83 44.37
C ASP B 49 25.03 33.36 44.26
N LYS B 50 24.11 32.53 43.78
CA LYS B 50 24.32 31.10 43.67
C LYS B 50 24.29 30.69 42.20
N ASN B 51 25.00 29.60 41.90
CA ASN B 51 24.88 28.94 40.61
C ASN B 51 23.78 27.89 40.71
N ILE B 52 22.73 28.04 39.90
CA ILE B 52 21.56 27.19 39.95
C ILE B 52 21.45 26.41 38.65
N ILE B 53 20.98 25.17 38.75
CA ILE B 53 20.78 24.28 37.61
C ILE B 53 19.32 23.82 37.62
N LEU B 54 18.67 23.89 36.47
CA LEU B 54 17.28 23.47 36.31
C LEU B 54 17.26 22.03 35.79
N LYS B 55 16.76 21.11 36.60
CA LYS B 55 16.66 19.70 36.29
C LYS B 55 15.19 19.33 36.10
N ALA B 56 14.92 18.40 35.19
CA ALA B 56 13.52 18.09 34.90
C ALA B 56 13.34 16.63 34.56
N ASN B 57 12.20 16.07 34.96
CA ASN B 57 11.78 14.73 34.54
C ASN B 57 10.59 14.91 33.63
N PHE B 58 10.70 14.41 32.40
CA PHE B 58 9.69 14.65 31.40
C PHE B 58 9.72 13.55 30.36
N SER B 59 8.59 13.35 29.69
CA SER B 59 8.52 12.39 28.61
C SER B 59 8.78 13.08 27.28
N VAL B 60 9.22 12.30 26.32
CA VAL B 60 9.57 12.80 25.00
C VAL B 60 8.92 11.89 23.97
N ILE B 61 8.34 12.48 22.91
CA ILE B 61 7.80 11.73 21.78
C ILE B 61 8.23 12.43 20.49
N PHE B 62 8.61 11.63 19.50
CA PHE B 62 9.13 12.12 18.22
C PHE B 62 10.27 13.12 18.43
N ASP B 63 11.08 12.87 19.46
CA ASP B 63 12.29 13.63 19.77
C ASP B 63 12.00 15.05 20.20
N ARG B 64 10.80 15.29 20.72
CA ARG B 64 10.41 16.59 21.26
C ARG B 64 9.71 16.37 22.59
N LEU B 65 9.73 17.41 23.43
CA LEU B 65 9.08 17.30 24.73
C LEU B 65 7.59 17.05 24.55
N GLU B 66 7.07 16.16 25.38
CA GLU B 66 5.67 15.79 25.35
C GLU B 66 4.95 16.19 26.62
N THR B 67 5.46 15.78 27.77
CA THR B 67 4.79 16.08 29.02
C THR B 67 5.83 16.29 30.10
N LEU B 68 5.75 17.44 30.76
CA LEU B 68 6.58 17.71 31.94
C LEU B 68 5.93 17.08 33.18
N ILE B 69 6.74 16.36 33.96
CA ILE B 69 6.30 15.82 35.24
C ILE B 69 6.70 16.72 36.39
N LEU B 70 7.97 17.12 36.44
CA LEU B 70 8.44 18.03 37.48
C LEU B 70 9.75 18.66 37.04
N LEU B 71 9.92 19.95 37.37
CA LEU B 71 11.15 20.69 37.11
C LEU B 71 11.54 21.41 38.39
N ARG B 72 12.79 21.22 38.84
CA ARG B 72 13.23 21.82 40.08
C ARG B 72 14.57 22.52 39.89
N ALA B 73 14.78 23.60 40.65
CA ALA B 73 16.01 24.38 40.60
C ALA B 73 16.93 23.98 41.74
N PHE B 74 18.18 23.64 41.42
CA PHE B 74 19.14 23.14 42.40
C PHE B 74 20.37 24.05 42.47
N THR B 75 20.79 24.38 43.70
CA THR B 75 22.07 25.03 43.93
C THR B 75 23.20 24.03 43.75
N GLU B 76 24.44 24.53 43.78
CA GLU B 76 25.57 23.62 43.71
C GLU B 76 25.60 22.67 44.90
N GLU B 77 25.02 23.08 46.02
CA GLU B 77 24.95 22.27 47.23
C GLU B 77 23.80 21.27 47.21
N GLY B 78 23.04 21.20 46.12
CA GLY B 78 21.97 20.24 45.98
C GLY B 78 20.64 20.63 46.57
N ALA B 79 20.46 21.88 47.00
CA ALA B 79 19.21 22.28 47.63
C ALA B 79 18.21 22.79 46.58
N ILE B 80 16.94 22.51 46.83
CA ILE B 80 15.87 22.97 45.95
C ILE B 80 15.52 24.40 46.29
N VAL B 81 15.56 25.29 45.29
CA VAL B 81 15.23 26.70 45.48
C VAL B 81 14.18 27.18 44.51
N GLY B 82 13.68 26.32 43.62
CA GLY B 82 12.68 26.72 42.64
C GLY B 82 12.04 25.48 42.06
N GLU B 83 10.92 25.70 41.38
CA GLU B 83 10.14 24.56 40.90
C GLU B 83 9.16 25.04 39.83
N ILE B 84 8.94 24.18 38.82
CA ILE B 84 7.90 24.35 37.82
C ILE B 84 7.17 23.02 37.72
N SER B 85 5.87 23.03 38.03
CA SER B 85 5.12 21.79 38.06
C SER B 85 3.75 22.02 37.45
N PRO B 86 3.18 21.01 36.79
CA PRO B 86 1.81 21.15 36.28
C PRO B 86 0.82 21.22 37.42
N LEU B 87 -0.25 21.97 37.18
CA LEU B 87 -1.27 22.21 38.20
C LEU B 87 -1.90 20.88 38.62
N PRO B 88 -2.29 20.77 39.89
CA PRO B 88 -2.83 19.48 40.38
C PRO B 88 -3.99 18.96 39.54
N SER B 89 -4.82 19.85 38.97
CA SER B 89 -5.88 19.42 38.06
C SER B 89 -5.35 18.77 36.81
N LEU B 90 -4.03 18.80 36.61
CA LEU B 90 -3.35 18.36 35.40
C LEU B 90 -4.04 18.85 34.10
N PRO B 91 -4.21 20.16 33.92
CA PRO B 91 -4.59 20.65 32.60
C PRO B 91 -3.39 20.53 31.68
N GLY B 92 -3.68 20.27 30.41
CA GLY B 92 -2.61 19.98 29.48
C GLY B 92 -1.70 21.18 29.26
N HIS B 93 -0.43 20.89 29.06
CA HIS B 93 0.52 21.92 28.70
C HIS B 93 1.32 21.45 27.50
N THR B 94 2.01 22.40 26.89
CA THR B 94 2.83 22.15 25.71
C THR B 94 4.26 22.56 26.01
N ALA B 95 5.15 22.18 25.10
CA ALA B 95 6.54 22.60 25.24
C ALA B 95 6.67 24.13 25.25
N GLU B 96 5.76 24.84 24.58
CA GLU B 96 5.78 26.30 24.64
C GLU B 96 5.53 26.78 26.06
N ASP B 97 4.48 26.26 26.71
CA ASP B 97 4.20 26.59 28.09
C ASP B 97 5.42 26.34 28.98
N VAL B 98 6.11 25.23 28.76
CA VAL B 98 7.29 24.93 29.56
C VAL B 98 8.39 25.94 29.27
N LYS B 99 8.67 26.20 27.99
CA LYS B 99 9.78 27.09 27.65
C LYS B 99 9.56 28.49 28.20
N ASN B 100 8.34 29.00 28.10
CA ASN B 100 8.02 30.28 28.69
C ASN B 100 8.14 30.24 30.21
N ALA B 101 7.61 29.18 30.85
CA ALA B 101 7.75 29.08 32.31
C ALA B 101 9.21 29.08 32.72
N VAL B 102 10.06 28.38 31.96
CA VAL B 102 11.47 28.36 32.29
C VAL B 102 12.07 29.74 32.18
N GLY B 103 11.60 30.54 31.22
CA GLY B 103 12.12 31.89 31.08
C GLY B 103 11.69 32.80 32.22
N VAL B 104 10.46 32.60 32.70
CA VAL B 104 9.95 33.36 33.83
C VAL B 104 10.75 33.03 35.09
N LEU B 105 11.01 31.75 35.31
CA LEU B 105 11.70 31.34 36.53
C LEU B 105 13.16 31.76 36.49
N ILE B 106 13.78 31.71 35.31
CA ILE B 106 15.17 32.15 35.21
C ILE B 106 15.28 33.64 35.52
N GLY B 107 14.39 34.45 34.94
CA GLY B 107 14.41 35.87 35.23
C GLY B 107 14.10 36.19 36.67
N GLY B 108 13.21 35.42 37.29
CA GLY B 108 12.93 35.61 38.70
C GLY B 108 14.13 35.32 39.57
N LEU B 109 14.87 34.24 39.24
CA LEU B 109 16.07 33.89 39.98
C LEU B 109 17.24 34.80 39.66
N GLU B 110 17.29 35.37 38.46
CA GLU B 110 18.38 36.28 38.13
C GLU B 110 18.23 37.64 38.78
N TRP B 111 17.06 37.97 39.32
CA TRP B 111 16.89 39.26 39.99
C TRP B 111 17.87 39.39 41.14
N ASN B 112 18.03 38.33 41.94
CA ASN B 112 18.98 38.32 43.03
C ASN B 112 20.36 37.84 42.59
N ASP B 113 20.74 38.07 41.34
CA ASP B 113 22.10 37.85 40.84
C ASP B 113 22.51 36.38 40.93
N ASN B 114 21.57 35.46 40.76
CA ASN B 114 21.95 34.08 40.57
C ASN B 114 22.26 33.81 39.10
N THR B 115 22.98 32.71 38.87
CA THR B 115 23.35 32.30 37.53
C THR B 115 22.67 30.97 37.28
N VAL B 116 21.74 30.95 36.33
CA VAL B 116 20.89 29.80 36.10
C VAL B 116 21.34 29.11 34.81
N ARG B 117 21.44 27.79 34.87
CA ARG B 117 21.70 26.97 33.71
C ARG B 117 20.59 25.93 33.60
N VAL B 118 20.38 25.45 32.38
CA VAL B 118 19.37 24.44 32.10
C VAL B 118 20.08 23.13 31.76
N SER B 119 19.56 22.02 32.28
CA SER B 119 20.14 20.71 32.00
C SER B 119 20.21 20.46 30.49
N GLU B 120 21.15 19.63 30.08
CA GLU B 120 21.31 19.35 28.65
C GLU B 120 20.07 18.64 28.10
N THR B 121 19.45 17.77 28.89
CA THR B 121 18.20 17.13 28.44
C THR B 121 17.12 18.16 28.13
N LEU B 122 17.01 19.20 28.94
CA LEU B 122 15.99 20.20 28.64
C LEU B 122 16.36 20.98 27.39
N GLN B 123 17.64 21.28 27.20
CA GLN B 123 18.07 22.02 26.00
C GLN B 123 17.80 21.22 24.73
N ARG B 124 18.09 19.92 24.73
CA ARG B 124 17.95 19.12 23.52
C ARG B 124 16.49 18.91 23.13
N PHE B 125 15.56 18.87 24.11
CA PHE B 125 14.20 18.44 23.83
C PHE B 125 13.14 19.52 23.98
N ALA B 126 13.43 20.63 24.67
CA ALA B 126 12.49 21.74 24.68
C ALA B 126 12.82 22.80 23.62
N TRP B 127 14.11 23.05 23.37
CA TRP B 127 14.56 23.98 22.34
C TRP B 127 15.12 23.21 21.14
N ARG B 128 15.65 23.93 20.17
CA ARG B 128 16.19 23.34 18.96
C ARG B 128 17.67 23.70 18.77
N SER B 129 18.40 23.84 19.86
CA SER B 129 19.82 24.21 19.80
C SER B 129 20.61 23.51 20.91
N SER C 4 -80.65 -19.55 68.46
CA SER C 4 -81.08 -18.92 67.23
C SER C 4 -79.89 -18.48 66.39
N LEU C 5 -78.69 -18.87 66.82
CA LEU C 5 -77.47 -18.41 66.16
C LEU C 5 -76.84 -19.43 65.22
N SER C 6 -76.97 -20.73 65.51
CA SER C 6 -76.43 -21.72 64.59
C SER C 6 -77.21 -21.76 63.28
N GLN C 7 -78.46 -21.29 63.28
CA GLN C 7 -79.19 -21.08 62.04
C GLN C 7 -78.96 -19.68 61.46
N ALA C 8 -78.72 -18.69 62.32
CA ALA C 8 -78.27 -17.38 61.84
C ALA C 8 -76.85 -17.42 61.29
N SER C 9 -76.11 -18.50 61.57
CA SER C 9 -74.83 -18.75 60.89
C SER C 9 -75.07 -19.31 59.49
N ALA C 10 -76.01 -20.24 59.36
CA ALA C 10 -76.41 -20.71 58.03
C ALA C 10 -76.96 -19.58 57.17
N ASP C 11 -77.42 -18.49 57.79
CA ASP C 11 -77.80 -17.30 57.02
C ASP C 11 -76.62 -16.76 56.24
N LEU C 12 -75.50 -16.51 56.93
CA LEU C 12 -74.33 -15.93 56.31
C LEU C 12 -73.31 -16.99 55.89
N GLU C 13 -73.58 -18.27 56.15
CA GLU C 13 -73.03 -19.30 55.29
C GLU C 13 -73.61 -19.18 53.90
N ALA C 14 -74.93 -18.92 53.81
CA ALA C 14 -75.60 -18.89 52.52
C ALA C 14 -75.19 -17.68 51.69
N THR C 15 -74.90 -16.55 52.34
CA THR C 15 -74.49 -15.38 51.57
C THR C 15 -73.05 -15.52 51.07
N LEU C 16 -72.20 -16.21 51.83
CA LEU C 16 -70.79 -16.33 51.43
C LEU C 16 -70.59 -17.31 50.29
N ARG C 17 -71.34 -18.42 50.26
CA ARG C 17 -71.21 -19.32 49.13
C ARG C 17 -71.85 -18.75 47.87
N HIS C 18 -72.91 -17.94 48.03
CA HIS C 18 -73.41 -17.16 46.90
C HIS C 18 -72.48 -15.99 46.59
N LYS C 19 -71.65 -15.59 47.54
CA LYS C 19 -70.57 -14.65 47.26
C LYS C 19 -69.38 -15.33 46.59
N LEU C 20 -69.23 -16.65 46.76
CA LEU C 20 -68.18 -17.36 46.04
C LEU C 20 -68.47 -17.45 44.55
N THR C 21 -69.75 -17.61 44.20
CA THR C 21 -70.08 -17.82 42.80
C THR C 21 -69.99 -16.53 42.01
N VAL C 22 -70.22 -15.37 42.65
CA VAL C 22 -70.06 -14.12 41.92
C VAL C 22 -68.59 -13.79 41.75
N MET C 23 -67.77 -14.09 42.77
CA MET C 23 -66.33 -13.92 42.64
C MET C 23 -65.77 -14.81 41.54
N TYR C 24 -66.35 -16.00 41.37
CA TYR C 24 -65.90 -16.90 40.32
C TYR C 24 -66.07 -16.26 38.95
N SER C 25 -67.21 -15.61 38.70
CA SER C 25 -67.40 -14.94 37.42
C SER C 25 -66.57 -13.66 37.30
N GLN C 26 -66.16 -13.06 38.42
CA GLN C 26 -65.29 -11.90 38.36
C GLN C 26 -63.89 -12.30 37.92
N ILE C 27 -63.36 -13.36 38.53
CA ILE C 27 -62.02 -13.86 38.21
C ILE C 27 -61.95 -14.28 36.75
N ASN C 28 -62.97 -15.00 36.28
CA ASN C 28 -63.00 -15.34 34.85
C ASN C 28 -63.15 -14.10 34.00
N GLY C 29 -64.00 -13.15 34.41
CA GLY C 29 -64.13 -11.91 33.65
C GLY C 29 -62.82 -11.17 33.51
N ALA C 30 -62.00 -11.20 34.57
CA ALA C 30 -60.71 -10.51 34.56
C ALA C 30 -59.72 -11.21 33.64
N SER C 31 -59.63 -12.54 33.74
CA SER C 31 -58.69 -13.27 32.90
C SER C 31 -59.03 -13.16 31.42
N ARG C 32 -60.31 -12.97 31.08
CA ARG C 32 -60.64 -12.67 29.69
C ARG C 32 -60.26 -11.24 29.32
N ALA C 33 -60.33 -10.30 30.26
CA ALA C 33 -59.87 -8.95 29.96
C ALA C 33 -58.36 -8.91 29.78
N LEU C 34 -57.63 -9.79 30.47
CA LEU C 34 -56.18 -9.86 30.30
C LEU C 34 -55.81 -10.39 28.92
N ASP C 35 -56.47 -11.47 28.47
CA ASP C 35 -56.31 -11.91 27.10
C ASP C 35 -56.54 -10.76 26.13
N ASP C 36 -57.57 -9.97 26.39
CA ASP C 36 -57.89 -8.85 25.49
C ASP C 36 -56.71 -7.91 25.37
N VAL C 37 -56.05 -7.59 26.49
CA VAL C 37 -54.94 -6.65 26.44
C VAL C 37 -53.75 -7.26 25.71
N ARG C 38 -53.43 -8.53 26.00
CA ARG C 38 -52.32 -9.17 25.29
C ARG C 38 -52.56 -9.21 23.78
N ASN C 39 -53.79 -9.51 23.37
CA ASN C 39 -54.11 -9.56 21.94
C ASN C 39 -54.08 -8.16 21.32
N ARG C 40 -54.53 -7.16 22.08
CA ARG C 40 -54.40 -5.78 21.60
C ARG C 40 -52.93 -5.42 21.37
N GLN C 41 -52.05 -5.84 22.30
CA GLN C 41 -50.62 -5.55 22.20
C GLN C 41 -49.99 -6.25 21.00
N GLN C 42 -50.31 -7.53 20.79
CA GLN C 42 -49.81 -8.22 19.62
C GLN C 42 -50.28 -7.54 18.34
N ASP C 43 -51.51 -7.03 18.32
CA ASP C 43 -51.99 -6.36 17.13
C ASP C 43 -51.16 -5.12 16.81
N VAL C 44 -50.82 -4.32 17.83
CA VAL C 44 -50.05 -3.11 17.50
C VAL C 44 -48.63 -3.49 17.08
N ARG C 45 -48.10 -4.60 17.60
CA ARG C 45 -46.80 -5.08 17.14
C ARG C 45 -46.84 -5.39 15.65
N MET C 46 -47.82 -6.20 15.23
CA MET C 46 -47.86 -6.56 13.82
C MET C 46 -48.13 -5.35 12.94
N THR C 47 -48.93 -4.40 13.42
CA THR C 47 -49.16 -3.18 12.66
C THR C 47 -47.87 -2.40 12.45
N ALA C 48 -47.12 -2.18 13.53
CA ALA C 48 -45.86 -1.45 13.44
C ALA C 48 -44.85 -2.19 12.58
N ASN C 49 -44.70 -3.50 12.80
CA ASN C 49 -43.75 -4.26 12.01
C ASN C 49 -44.07 -4.21 10.53
N ARG C 50 -45.36 -4.15 10.19
CA ARG C 50 -45.69 -4.06 8.77
C ARG C 50 -45.29 -2.70 8.21
N LYS C 51 -45.54 -1.60 8.93
CA LYS C 51 -45.15 -0.29 8.40
C LYS C 51 -43.64 -0.16 8.29
N VAL C 52 -42.91 -0.82 9.19
CA VAL C 52 -41.45 -0.76 9.12
C VAL C 52 -40.95 -1.46 7.85
N GLU C 53 -41.48 -2.64 7.54
CA GLU C 53 -41.00 -3.26 6.32
C GLU C 53 -41.57 -2.60 5.08
N GLN C 54 -42.65 -1.83 5.21
CA GLN C 54 -43.08 -0.99 4.10
C GLN C 54 -42.11 0.17 3.90
N LEU C 55 -41.57 0.73 4.98
CA LEU C 55 -40.54 1.76 4.83
C LEU C 55 -39.32 1.18 4.14
N GLN C 56 -38.84 0.03 4.61
CA GLN C 56 -37.64 -0.58 4.07
C GLN C 56 -37.79 -0.88 2.58
N GLN C 57 -39.00 -1.26 2.13
CA GLN C 57 -39.18 -1.47 0.70
C GLN C 57 -39.11 -0.15 -0.05
N GLU C 58 -39.51 0.96 0.57
CA GLU C 58 -39.34 2.24 -0.10
C GLU C 58 -37.86 2.62 -0.21
N TYR C 59 -37.10 2.41 0.87
CA TYR C 59 -35.70 2.82 0.83
C TYR C 59 -34.85 1.90 -0.03
N THR C 60 -35.20 0.62 -0.20
CA THR C 60 -34.48 -0.22 -1.17
C THR C 60 -34.74 0.26 -2.59
N GLU C 61 -35.94 0.77 -2.85
CA GLU C 61 -36.25 1.33 -4.16
C GLU C 61 -35.48 2.62 -4.39
N MET C 62 -35.33 3.45 -3.36
CA MET C 62 -34.56 4.68 -3.54
C MET C 62 -33.08 4.38 -3.75
N LYS C 63 -32.53 3.42 -3.00
CA LYS C 63 -31.13 3.04 -3.21
C LYS C 63 -30.92 2.50 -4.60
N ALA C 64 -31.95 1.94 -5.21
CA ALA C 64 -31.85 1.39 -6.56
C ALA C 64 -31.90 2.50 -7.60
N LEU C 65 -32.70 3.54 -7.37
CA LEU C 65 -32.64 4.73 -8.23
C LEU C 65 -31.27 5.38 -8.19
N LEU C 66 -30.66 5.45 -7.01
CA LEU C 66 -29.32 6.03 -6.93
C LEU C 66 -28.32 5.20 -7.70
N ASP C 67 -28.37 3.88 -7.54
CA ASP C 67 -27.49 3.00 -8.29
C ASP C 67 -27.63 3.21 -9.79
N ALA C 68 -28.88 3.36 -10.25
CA ALA C 68 -29.14 3.66 -11.65
C ALA C 68 -28.57 5.01 -12.04
N SER C 69 -28.87 6.06 -11.26
CA SER C 69 -28.35 7.39 -11.57
C SER C 69 -26.83 7.37 -11.60
N GLU C 70 -26.21 6.69 -10.64
CA GLU C 70 -24.76 6.56 -10.61
C GLU C 70 -24.24 5.86 -11.87
N THR C 71 -24.71 4.63 -12.14
CA THR C 71 -24.23 3.91 -13.32
C THR C 71 -24.47 4.70 -14.61
N THR C 72 -25.58 5.43 -14.67
CA THR C 72 -25.84 6.27 -15.84
C THR C 72 -24.84 7.42 -15.93
N SER C 73 -24.57 8.07 -14.80
CA SER C 73 -23.61 9.17 -14.81
C SER C 73 -22.20 8.68 -15.09
N THR C 74 -21.77 7.61 -14.41
CA THR C 74 -20.41 7.18 -14.70
C THR C 74 -20.30 6.60 -16.10
N ARG C 75 -21.40 6.16 -16.72
CA ARG C 75 -21.28 5.73 -18.12
C ARG C 75 -21.22 6.94 -19.05
N LYS C 76 -21.90 8.04 -18.71
CA LYS C 76 -21.71 9.30 -19.44
C LYS C 76 -20.31 9.89 -19.31
N ILE C 77 -19.51 9.48 -18.31
CA ILE C 77 -18.14 9.96 -18.25
C ILE C 77 -17.21 9.05 -19.04
N LYS C 78 -17.47 7.75 -19.02
CA LYS C 78 -16.57 6.80 -19.66
C LYS C 78 -16.67 6.88 -21.18
N GLU C 79 -17.87 7.05 -21.72
CA GLU C 79 -18.01 7.18 -23.16
C GLU C 79 -17.46 8.52 -23.67
N GLU C 80 -17.38 9.54 -22.80
CA GLU C 80 -16.75 10.79 -23.19
C GLU C 80 -15.24 10.64 -23.22
N GLU C 81 -14.69 9.93 -22.24
CA GLU C 81 -13.31 9.47 -22.35
C GLU C 81 -13.09 8.68 -23.65
N LYS C 82 -13.89 7.62 -23.86
CA LYS C 82 -13.67 6.77 -25.02
C LYS C 82 -13.81 7.55 -26.31
N ARG C 83 -14.66 8.60 -26.32
CA ARG C 83 -14.74 9.48 -27.48
C ARG C 83 -13.38 10.09 -27.79
N VAL C 84 -12.81 10.86 -26.86
CA VAL C 84 -11.53 11.49 -27.15
C VAL C 84 -10.43 10.44 -27.38
N ASN C 85 -10.41 9.38 -26.60
CA ASN C 85 -9.29 8.45 -26.67
C ASN C 85 -9.30 7.60 -27.93
N SER C 86 -10.41 7.56 -28.66
CA SER C 86 -10.38 6.90 -29.95
C SER C 86 -10.00 7.84 -31.09
N LYS C 87 -10.33 9.13 -30.96
CA LYS C 87 -9.79 10.10 -31.91
C LYS C 87 -8.28 10.13 -31.85
N PHE C 88 -7.73 10.12 -30.63
CA PHE C 88 -6.28 10.00 -30.47
C PHE C 88 -5.78 8.67 -31.05
N ASP C 89 -6.56 7.59 -30.90
CA ASP C 89 -6.12 6.32 -31.45
C ASP C 89 -6.01 6.38 -32.97
N THR C 90 -6.96 7.04 -33.64
CA THR C 90 -6.85 7.19 -35.09
C THR C 90 -5.71 8.11 -35.45
N ILE C 91 -5.44 9.13 -34.64
CA ILE C 91 -4.32 10.02 -34.87
C ILE C 91 -3.00 9.27 -34.71
N TYR C 92 -2.88 8.49 -33.63
CA TYR C 92 -1.69 7.65 -33.46
C TYR C 92 -1.43 6.79 -34.69
N GLN C 93 -2.49 6.23 -35.28
CA GLN C 93 -2.30 5.36 -36.43
C GLN C 93 -1.86 6.13 -37.67
N ILE C 94 -2.32 7.37 -37.81
CA ILE C 94 -1.85 8.23 -38.90
C ILE C 94 -0.36 8.50 -38.75
N LEU C 95 0.04 9.02 -37.58
CA LEU C 95 1.45 9.30 -37.35
C LEU C 95 2.30 8.05 -37.45
N LEU C 96 1.79 6.93 -36.93
CA LEU C 96 2.55 5.68 -37.02
C LEU C 96 2.70 5.23 -38.46
N LYS C 97 1.67 5.49 -39.29
CA LYS C 97 1.77 5.15 -40.71
C LYS C 97 2.81 6.00 -41.41
N LYS C 98 2.79 7.31 -41.19
CA LYS C 98 3.81 8.19 -41.77
C LYS C 98 5.20 7.86 -41.23
N LYS C 99 5.31 7.53 -39.94
CA LYS C 99 6.60 7.08 -39.40
C LYS C 99 7.07 5.81 -40.07
N SER C 100 6.15 4.94 -40.50
CA SER C 100 6.56 3.72 -41.19
C SER C 100 6.96 3.99 -42.64
N GLU C 101 6.28 4.93 -43.30
CA GLU C 101 6.66 5.28 -44.66
C GLU C 101 8.07 5.86 -44.70
N ILE C 102 8.36 6.81 -43.81
CA ILE C 102 9.69 7.40 -43.77
C ILE C 102 10.73 6.37 -43.38
N GLN C 103 10.43 5.54 -42.37
CA GLN C 103 11.37 4.50 -41.96
C GLN C 103 11.63 3.50 -43.09
N THR C 104 10.59 3.17 -43.86
CA THR C 104 10.74 2.25 -44.99
C THR C 104 11.57 2.87 -46.10
N LEU C 105 11.20 4.07 -46.53
CA LEU C 105 11.93 4.74 -47.60
C LEU C 105 13.40 4.97 -47.23
N LYS C 106 13.64 5.33 -45.97
CA LYS C 106 15.02 5.51 -45.52
C LYS C 106 15.83 4.23 -45.68
N GLU C 107 15.24 3.07 -45.39
CA GLU C 107 15.97 1.82 -45.52
C GLU C 107 16.29 1.52 -46.99
N GLU C 108 15.39 1.86 -47.91
CA GLU C 108 15.68 1.68 -49.33
C GLU C 108 16.80 2.59 -49.78
N ILE C 109 16.83 3.83 -49.28
CA ILE C 109 17.93 4.74 -49.60
C ILE C 109 19.23 4.26 -48.96
N GLU C 110 19.15 3.58 -47.82
CA GLU C 110 20.38 3.14 -47.15
C GLU C 110 21.01 1.97 -47.88
N GLN C 111 20.22 1.02 -48.39
CA GLN C 111 20.76 -0.10 -49.12
C GLN C 111 20.71 0.10 -50.64
N SER C 112 20.28 1.26 -51.12
CA SER C 112 20.61 1.65 -52.48
C SER C 112 21.99 2.32 -52.53
N LEU C 113 22.40 2.94 -51.44
CA LEU C 113 23.71 3.57 -51.33
C LEU C 113 24.78 2.59 -50.83
N THR C 114 24.43 1.33 -50.61
CA THR C 114 25.46 0.32 -50.38
C THR C 114 25.90 -0.34 -51.66
N LYS C 115 25.05 -0.36 -52.68
CA LYS C 115 25.42 -0.74 -54.03
C LYS C 115 25.55 0.50 -54.90
N ARG C 116 26.25 1.51 -54.38
CA ARG C 116 26.28 2.85 -54.95
C ARG C 116 27.37 3.04 -56.00
N ASP C 117 28.48 2.31 -55.89
CA ASP C 117 29.57 2.42 -56.85
C ASP C 117 29.42 1.45 -58.01
N GLU C 118 28.45 0.54 -57.94
CA GLU C 118 27.90 -0.05 -59.15
C GLU C 118 27.52 1.07 -60.11
N PHE C 119 27.81 0.88 -61.38
CA PHE C 119 27.58 1.95 -62.35
C PHE C 119 26.10 2.34 -62.41
N GLU C 120 25.20 1.35 -62.45
CA GLU C 120 23.75 1.53 -62.60
C GLU C 120 23.08 2.14 -61.38
N PHE C 121 23.83 2.71 -60.44
CA PHE C 121 23.23 3.24 -59.22
C PHE C 121 22.36 4.46 -59.53
N LEU C 122 22.80 5.32 -60.45
CA LEU C 122 22.05 6.53 -60.76
C LEU C 122 20.68 6.20 -61.33
N GLU C 123 20.60 5.20 -62.21
CA GLU C 123 19.31 4.82 -62.78
C GLU C 123 18.36 4.32 -61.70
N LYS C 124 18.91 3.61 -60.70
CA LYS C 124 18.08 3.02 -59.65
C LYS C 124 17.67 4.03 -58.58
N ALA C 125 18.45 5.09 -58.40
CA ALA C 125 18.30 6.00 -57.27
C ALA C 125 17.73 7.36 -57.60
N SER C 126 17.54 7.70 -58.89
CA SER C 126 16.89 8.95 -59.22
C SER C 126 15.42 8.93 -58.83
N LYS C 127 14.83 7.74 -58.67
CA LYS C 127 13.46 7.61 -58.21
C LYS C 127 13.32 8.00 -56.74
N LEU C 128 14.36 7.77 -55.94
CA LEU C 128 14.26 7.95 -54.48
C LEU C 128 14.45 9.38 -54.03
N ARG C 129 15.08 10.24 -54.83
CA ARG C 129 15.22 11.62 -54.42
C ARG C 129 13.88 12.35 -54.45
N GLY C 130 12.92 11.89 -55.27
CA GLY C 130 11.68 12.62 -55.46
C GLY C 130 10.73 12.49 -54.29
N ILE C 131 10.65 11.30 -53.71
CA ILE C 131 9.65 11.06 -52.67
C ILE C 131 9.96 11.93 -51.47
N SER C 132 8.96 12.71 -51.04
CA SER C 132 9.06 13.49 -49.81
C SER C 132 7.66 13.70 -49.24
N THR C 133 6.99 12.61 -48.89
CA THR C 133 5.65 12.67 -48.33
C THR C 133 5.73 13.28 -46.93
N LYS C 134 5.48 14.59 -46.84
CA LYS C 134 5.49 15.33 -45.57
C LYS C 134 4.19 16.12 -45.43
N PRO C 135 3.04 15.45 -45.28
CA PRO C 135 1.78 16.19 -45.17
C PRO C 135 1.04 15.96 -43.87
N VAL C 136 -0.28 15.84 -43.98
CA VAL C 136 -1.20 15.47 -42.91
C VAL C 136 -1.33 16.58 -41.87
N TYR C 137 -2.52 17.18 -41.82
CA TYR C 137 -2.91 18.08 -40.74
C TYR C 137 -3.89 17.34 -39.84
N ILE C 138 -3.61 17.34 -38.55
CA ILE C 138 -4.47 16.70 -37.56
C ILE C 138 -5.06 17.79 -36.67
N PRO C 139 -6.37 17.98 -36.66
CA PRO C 139 -6.95 19.05 -35.85
C PRO C 139 -7.00 18.66 -34.38
N GLU C 140 -7.12 19.67 -33.53
CA GLU C 140 -7.02 19.47 -32.10
C GLU C 140 -8.22 18.70 -31.56
N VAL C 141 -7.96 17.85 -30.57
CA VAL C 141 -8.99 17.10 -29.87
C VAL C 141 -9.16 17.69 -28.48
N GLU C 142 -10.42 17.90 -28.07
CA GLU C 142 -10.73 18.61 -26.83
C GLU C 142 -11.54 17.70 -25.92
N LEU C 143 -10.98 17.37 -24.76
CA LEU C 143 -11.81 16.74 -23.75
C LEU C 143 -12.84 17.75 -23.26
N ASN C 144 -14.08 17.29 -23.11
CA ASN C 144 -15.18 18.18 -22.74
C ASN C 144 -15.19 18.33 -21.21
N HIS C 145 -14.27 19.16 -20.72
CA HIS C 145 -14.13 19.34 -19.28
C HIS C 145 -15.40 19.88 -18.64
N LYS C 146 -16.04 20.88 -19.26
CA LYS C 146 -17.22 21.46 -18.64
C LYS C 146 -18.35 20.45 -18.51
N LEU C 147 -18.38 19.45 -19.38
CA LEU C 147 -19.43 18.44 -19.31
C LEU C 147 -19.24 17.52 -18.11
N ILE C 148 -18.02 17.01 -17.91
CA ILE C 148 -17.78 16.08 -16.80
C ILE C 148 -17.67 16.79 -15.47
N LYS C 149 -17.26 18.07 -15.45
CA LYS C 149 -17.34 18.81 -14.20
C LYS C 149 -18.80 19.13 -13.85
N GLY C 150 -19.66 19.30 -14.85
CA GLY C 150 -21.06 19.59 -14.60
C GLY C 150 -21.82 18.39 -14.11
N ILE C 151 -21.46 17.20 -14.59
CA ILE C 151 -22.04 15.98 -14.05
C ILE C 151 -21.69 15.84 -12.58
N HIS C 152 -20.44 16.15 -12.24
CA HIS C 152 -20.02 16.13 -10.84
C HIS C 152 -20.76 17.19 -10.04
N GLN C 153 -20.74 18.45 -10.52
CA GLN C 153 -21.44 19.51 -9.80
C GLN C 153 -22.92 19.24 -9.67
N SER C 154 -23.54 18.54 -10.62
CA SER C 154 -24.97 18.30 -10.55
C SER C 154 -25.29 17.18 -9.57
N THR C 155 -24.40 16.19 -9.47
CA THR C 155 -24.60 15.11 -8.51
C THR C 155 -24.37 15.62 -7.09
N ILE C 156 -23.51 16.62 -6.92
CA ILE C 156 -23.43 17.31 -5.64
C ILE C 156 -24.73 18.04 -5.34
N ASP C 157 -25.30 18.70 -6.35
CA ASP C 157 -26.58 19.38 -6.17
C ASP C 157 -27.67 18.39 -5.83
N LEU C 158 -27.65 17.19 -6.45
CA LEU C 158 -28.66 16.19 -6.13
C LEU C 158 -28.57 15.76 -4.68
N LYS C 159 -27.34 15.64 -4.16
CA LYS C 159 -27.18 15.27 -2.76
C LYS C 159 -27.76 16.33 -1.85
N ASN C 160 -27.50 17.60 -2.16
CA ASN C 160 -27.99 18.67 -1.30
C ASN C 160 -29.52 18.76 -1.31
N GLU C 161 -30.17 18.54 -2.46
CA GLU C 161 -31.63 18.60 -2.41
C GLU C 161 -32.21 17.33 -1.83
N LEU C 162 -31.46 16.23 -1.81
CA LEU C 162 -31.88 15.06 -1.05
C LEU C 162 -31.86 15.34 0.45
N LYS C 163 -30.94 16.18 0.92
CA LYS C 163 -31.00 16.71 2.29
C LYS C 163 -32.32 17.42 2.55
N GLN C 164 -32.59 18.49 1.79
CA GLN C 164 -33.81 19.27 2.02
C GLN C 164 -35.02 18.36 2.02
N CYS C 165 -35.04 17.40 1.08
CA CYS C 165 -36.16 16.48 0.98
C CYS C 165 -36.31 15.66 2.25
N ILE C 166 -35.20 15.09 2.74
CA ILE C 166 -35.25 14.31 3.96
C ILE C 166 -35.59 15.20 5.14
N GLY C 167 -35.02 16.40 5.19
CA GLY C 167 -35.34 17.34 6.27
C GLY C 167 -36.83 17.66 6.33
N ARG C 168 -37.43 17.95 5.18
CA ARG C 168 -38.87 18.24 5.13
C ARG C 168 -39.71 17.04 5.57
N LEU C 169 -39.22 15.82 5.34
CA LEU C 169 -39.96 14.63 5.76
C LEU C 169 -39.92 14.49 7.28
N GLN C 170 -38.72 14.51 7.87
CA GLN C 170 -38.58 14.21 9.28
C GLN C 170 -39.17 15.30 10.17
N GLU C 171 -39.20 16.56 9.72
CA GLU C 171 -39.75 17.59 10.59
C GLU C 171 -41.26 17.47 10.75
N LEU C 172 -41.92 16.65 9.94
CA LEU C 172 -43.37 16.48 10.01
C LEU C 172 -43.81 15.71 11.26
N THR C 173 -42.92 14.94 11.87
CA THR C 173 -43.30 14.06 12.97
C THR C 173 -42.42 14.31 14.19
N PRO C 174 -42.92 13.97 15.39
CA PRO C 174 -42.13 14.16 16.60
C PRO C 174 -41.03 13.13 16.73
N SER C 175 -39.94 13.55 17.35
CA SER C 175 -38.82 12.69 17.63
C SER C 175 -38.65 12.53 19.13
N SER C 176 -38.23 11.34 19.55
CA SER C 176 -38.05 11.07 20.97
C SER C 176 -37.08 9.91 21.19
N ALA D 10 -37.12 2.66 -14.46
CA ALA D 10 -38.03 2.52 -15.59
C ALA D 10 -37.40 3.13 -16.84
N SER D 11 -37.14 2.30 -17.84
CA SER D 11 -36.51 2.72 -19.09
C SER D 11 -37.35 2.20 -20.24
N ARG D 12 -37.86 3.11 -21.06
CA ARG D 12 -38.83 2.77 -22.09
C ARG D 12 -38.35 3.27 -23.46
N TYR D 13 -38.83 2.61 -24.51
CA TYR D 13 -38.62 3.04 -25.88
C TYR D 13 -39.98 3.35 -26.50
N LEU D 14 -40.15 4.57 -26.99
CA LEU D 14 -41.41 5.02 -27.57
C LEU D 14 -41.31 5.02 -29.08
N THR D 15 -42.33 4.47 -29.74
CA THR D 15 -42.34 4.32 -31.20
C THR D 15 -43.61 4.96 -31.76
N ASP D 16 -43.53 6.27 -32.01
CA ASP D 16 -44.58 6.94 -32.77
C ASP D 16 -44.68 6.38 -34.17
N MET D 17 -43.54 6.00 -34.75
CA MET D 17 -43.44 5.61 -36.14
C MET D 17 -43.35 4.10 -36.28
N THR D 18 -43.95 3.60 -37.36
CA THR D 18 -43.87 2.19 -37.70
C THR D 18 -42.49 1.86 -38.26
N LEU D 19 -42.20 0.56 -38.35
CA LEU D 19 -40.99 0.14 -39.05
C LEU D 19 -40.99 0.63 -40.49
N GLU D 20 -42.17 0.66 -41.12
CA GLU D 20 -42.30 1.21 -42.46
C GLU D 20 -41.94 2.70 -42.49
N GLU D 21 -42.54 3.50 -41.59
CA GLU D 21 -42.25 4.93 -41.60
C GLU D 21 -40.78 5.21 -41.26
N MET D 22 -40.14 4.30 -40.51
CA MET D 22 -38.75 4.53 -40.13
C MET D 22 -37.81 4.32 -41.31
N SER D 23 -38.11 3.32 -42.14
CA SER D 23 -37.26 3.00 -43.28
C SER D 23 -37.69 3.65 -44.57
N ARG D 24 -38.92 4.14 -44.67
CA ARG D 24 -39.40 4.76 -45.90
C ARG D 24 -38.46 5.88 -46.33
N GLU D 25 -38.33 6.05 -47.63
CA GLU D 25 -37.50 7.10 -48.18
C GLU D 25 -38.36 8.29 -48.59
N TRP D 26 -37.75 9.47 -48.57
CA TRP D 26 -38.46 10.66 -49.00
C TRP D 26 -37.47 11.64 -49.60
N SER D 27 -37.97 12.52 -50.46
CA SER D 27 -37.18 13.61 -51.00
C SER D 27 -37.94 14.93 -50.86
N MET D 28 -37.18 16.01 -50.73
CA MET D 28 -37.73 17.35 -50.74
C MET D 28 -37.73 17.89 -52.16
N LEU D 29 -38.87 18.45 -52.59
CA LEU D 29 -38.89 19.06 -53.91
C LEU D 29 -38.16 20.40 -53.88
N ILE D 30 -38.24 21.12 -52.76
CA ILE D 30 -37.40 22.28 -52.50
C ILE D 30 -36.69 22.04 -51.17
N PRO D 31 -35.44 21.56 -51.21
CA PRO D 31 -34.76 21.18 -49.98
C PRO D 31 -34.43 22.37 -49.10
N LYS D 32 -34.53 22.17 -47.79
CA LYS D 32 -34.10 23.13 -46.80
C LYS D 32 -33.47 22.33 -45.67
N GLN D 33 -32.18 22.56 -45.42
CA GLN D 33 -31.42 21.81 -44.42
C GLN D 33 -30.72 22.75 -43.47
N LYS D 34 -30.38 22.21 -42.31
CA LYS D 34 -29.71 22.96 -41.26
C LYS D 34 -29.06 21.96 -40.32
N VAL D 35 -27.82 22.22 -39.95
CA VAL D 35 -27.19 21.49 -38.86
C VAL D 35 -27.37 22.33 -37.59
N ALA D 36 -28.16 21.81 -36.66
CA ALA D 36 -28.47 22.50 -35.41
C ALA D 36 -27.75 21.78 -34.28
N GLY D 37 -26.46 22.07 -34.15
CA GLY D 37 -25.62 21.37 -33.20
C GLY D 37 -25.47 19.90 -33.56
N PRO D 38 -25.92 19.03 -32.66
CA PRO D 38 -25.84 17.58 -32.90
C PRO D 38 -27.01 16.99 -33.67
N LEU D 39 -27.95 17.81 -34.14
CA LEU D 39 -29.13 17.34 -34.86
C LEU D 39 -29.19 17.97 -36.24
N CYS D 40 -29.79 17.24 -37.19
CA CYS D 40 -29.97 17.68 -38.57
C CYS D 40 -31.45 17.91 -38.82
N ILE D 41 -31.80 19.10 -39.30
CA ILE D 41 -33.18 19.48 -39.57
C ILE D 41 -33.36 19.60 -41.08
N ARG D 42 -34.32 18.87 -41.63
CA ARG D 42 -34.66 18.93 -43.04
C ARG D 42 -36.15 19.16 -43.21
N MET D 43 -36.53 19.93 -44.23
CA MET D 43 -37.95 20.13 -44.54
C MET D 43 -38.11 20.51 -46.02
N ASP D 44 -39.32 20.30 -46.53
CA ASP D 44 -39.68 20.64 -47.89
C ASP D 44 -40.32 22.03 -47.94
N GLN D 45 -39.61 23.01 -48.50
CA GLN D 45 -40.15 24.35 -48.60
C GLN D 45 -41.40 24.44 -49.48
N ALA D 46 -41.72 23.39 -50.24
CA ALA D 46 -42.85 23.42 -51.16
C ALA D 46 -44.18 23.05 -50.50
N ILE D 47 -44.15 22.53 -49.28
CA ILE D 47 -45.38 22.12 -48.61
C ILE D 47 -46.06 23.36 -48.05
N MET D 48 -47.34 23.56 -48.43
CA MET D 48 -48.13 24.68 -47.96
C MET D 48 -49.51 24.22 -47.52
N ASP D 49 -50.08 24.99 -46.58
CA ASP D 49 -51.51 24.91 -46.24
C ASP D 49 -51.92 23.50 -45.82
N LYS D 50 -51.09 22.86 -45.02
CA LYS D 50 -51.32 21.48 -44.59
C LYS D 50 -51.27 21.39 -43.07
N ASN D 51 -52.01 20.41 -42.55
CA ASN D 51 -51.90 20.02 -41.15
C ASN D 51 -50.81 18.95 -41.04
N ILE D 52 -49.77 19.25 -40.27
CA ILE D 52 -48.61 18.39 -40.12
C ILE D 52 -48.50 17.94 -38.68
N ILE D 53 -48.07 16.69 -38.49
CA ILE D 53 -47.90 16.07 -37.18
C ILE D 53 -46.46 15.58 -37.07
N LEU D 54 -45.83 15.84 -35.92
CA LEU D 54 -44.44 15.45 -35.68
C LEU D 54 -44.44 14.18 -34.82
N LYS D 55 -43.97 13.07 -35.41
CA LYS D 55 -43.87 11.78 -34.78
C LYS D 55 -42.40 11.46 -34.53
N ALA D 56 -42.10 10.80 -33.40
CA ALA D 56 -40.71 10.53 -33.07
C ALA D 56 -40.56 9.18 -32.38
N ASN D 57 -39.44 8.51 -32.64
CA ASN D 57 -39.05 7.30 -31.92
C ASN D 57 -37.87 7.68 -31.03
N PHE D 58 -38.00 7.43 -29.73
CA PHE D 58 -36.97 7.87 -28.81
C PHE D 58 -37.02 7.01 -27.55
N SER D 59 -35.91 7.01 -26.81
CA SER D 59 -35.85 6.31 -25.54
C SER D 59 -36.09 7.29 -24.41
N VAL D 60 -36.57 6.75 -23.29
CA VAL D 60 -36.91 7.55 -22.12
C VAL D 60 -36.30 6.88 -20.88
N ILE D 61 -35.73 7.70 -19.99
CA ILE D 61 -35.21 7.23 -18.70
C ILE D 61 -35.56 8.25 -17.63
N PHE D 62 -36.06 7.75 -16.50
CA PHE D 62 -36.56 8.58 -15.39
C PHE D 62 -37.69 9.50 -15.83
N ASP D 63 -38.48 9.05 -16.81
CA ASP D 63 -39.67 9.75 -17.31
C ASP D 63 -39.33 11.03 -18.06
N ARG D 64 -38.11 11.15 -18.58
CA ARG D 64 -37.69 12.24 -19.46
C ARG D 64 -37.05 11.65 -20.71
N LEU D 65 -36.93 12.48 -21.74
CA LEU D 65 -36.33 12.03 -22.98
C LEU D 65 -34.83 11.80 -22.77
N GLU D 66 -34.35 10.69 -23.31
CA GLU D 66 -32.95 10.30 -23.17
C GLU D 66 -32.22 10.41 -24.49
N THR D 67 -32.69 9.72 -25.52
CA THR D 67 -32.02 9.71 -26.79
C THR D 67 -33.06 9.70 -27.89
N LEU D 68 -32.98 10.68 -28.79
CA LEU D 68 -33.80 10.70 -29.99
C LEU D 68 -33.18 9.80 -31.05
N ILE D 69 -33.99 8.93 -31.65
CA ILE D 69 -33.56 8.10 -32.76
C ILE D 69 -33.93 8.72 -34.10
N LEU D 70 -35.18 9.16 -34.25
CA LEU D 70 -35.63 9.79 -35.48
C LEU D 70 -36.94 10.51 -35.21
N LEU D 71 -37.10 11.68 -35.84
CA LEU D 71 -38.35 12.46 -35.79
C LEU D 71 -38.71 12.84 -37.22
N ARG D 72 -39.96 12.59 -37.61
CA ARG D 72 -40.40 12.93 -38.95
C ARG D 72 -41.72 13.66 -38.93
N ALA D 73 -41.92 14.54 -39.91
CA ALA D 73 -43.14 15.33 -40.05
C ALA D 73 -44.03 14.71 -41.10
N PHE D 74 -45.30 14.46 -40.76
CA PHE D 74 -46.23 13.77 -41.64
C PHE D 74 -47.43 14.65 -41.94
N THR D 75 -47.83 14.69 -43.21
CA THR D 75 -49.10 15.30 -43.58
C THR D 75 -50.25 14.36 -43.23
N GLU D 76 -51.47 14.90 -43.30
CA GLU D 76 -52.64 14.05 -43.04
C GLU D 76 -52.73 12.89 -44.02
N GLU D 77 -52.10 13.01 -45.19
CA GLU D 77 -52.05 11.93 -46.18
C GLU D 77 -50.92 10.93 -45.90
N GLY D 78 -50.13 11.13 -44.86
CA GLY D 78 -49.06 10.21 -44.51
C GLY D 78 -47.72 10.48 -45.14
N ALA D 79 -47.56 11.57 -45.88
CA ALA D 79 -46.31 11.84 -46.57
C ALA D 79 -45.33 12.56 -45.65
N ILE D 80 -44.05 12.20 -45.77
CA ILE D 80 -43.00 12.83 -45.00
C ILE D 80 -42.62 14.15 -45.65
N VAL D 81 -42.59 15.22 -44.85
CA VAL D 81 -42.23 16.55 -45.33
C VAL D 81 -41.17 17.20 -44.48
N GLY D 82 -40.73 16.56 -43.41
CA GLY D 82 -39.66 17.10 -42.58
C GLY D 82 -39.10 16.04 -41.69
N GLU D 83 -37.92 16.34 -41.13
CA GLU D 83 -37.20 15.33 -40.38
C GLU D 83 -36.19 16.01 -39.46
N ILE D 84 -36.05 15.48 -38.24
CA ILE D 84 -34.98 15.83 -37.30
C ILE D 84 -34.28 14.54 -36.92
N SER D 85 -32.97 14.48 -37.15
CA SER D 85 -32.23 13.24 -36.91
C SER D 85 -30.87 13.57 -36.31
N PRO D 86 -30.29 12.65 -35.54
CA PRO D 86 -28.92 12.86 -35.05
C PRO D 86 -27.93 12.77 -36.19
N LEU D 87 -26.85 13.53 -36.06
CA LEU D 87 -25.82 13.53 -37.09
C LEU D 87 -25.21 12.13 -37.21
N PRO D 88 -24.80 11.73 -38.42
CA PRO D 88 -24.32 10.35 -38.59
C PRO D 88 -23.22 9.97 -37.63
N SER D 89 -22.39 10.93 -37.20
CA SER D 89 -21.28 10.67 -36.29
C SER D 89 -21.82 10.34 -34.89
N LEU D 90 -23.14 10.48 -34.76
CA LEU D 90 -23.85 10.32 -33.50
C LEU D 90 -23.22 11.13 -32.36
N PRO D 91 -23.08 12.45 -32.51
CA PRO D 91 -22.69 13.26 -31.35
C PRO D 91 -23.86 13.35 -30.40
N GLY D 92 -23.53 13.37 -29.11
CA GLY D 92 -24.59 13.34 -28.10
C GLY D 92 -25.46 14.58 -28.16
N HIS D 93 -26.74 14.39 -27.85
CA HIS D 93 -27.70 15.48 -27.75
C HIS D 93 -28.50 15.33 -26.47
N THR D 94 -29.19 16.40 -26.11
CA THR D 94 -30.02 16.42 -24.93
C THR D 94 -31.45 16.73 -25.33
N ALA D 95 -32.34 16.66 -24.34
CA ALA D 95 -33.73 17.03 -24.59
C ALA D 95 -33.86 18.50 -24.96
N GLU D 96 -32.96 19.37 -24.49
CA GLU D 96 -33.00 20.76 -24.91
C GLU D 96 -32.65 20.90 -26.38
N ASP D 97 -31.63 20.18 -26.83
CA ASP D 97 -31.30 20.17 -28.26
C ASP D 97 -32.50 19.75 -29.09
N VAL D 98 -33.22 18.72 -28.65
CA VAL D 98 -34.41 18.29 -29.39
C VAL D 98 -35.50 19.34 -29.31
N LYS D 99 -35.73 19.91 -28.13
CA LYS D 99 -36.78 20.91 -27.97
C LYS D 99 -36.56 22.11 -28.89
N ASN D 100 -35.32 22.61 -28.95
CA ASN D 100 -35.05 23.72 -29.86
C ASN D 100 -35.14 23.28 -31.31
N ALA D 101 -34.63 22.09 -31.66
CA ALA D 101 -34.73 21.66 -33.05
C ALA D 101 -36.19 21.56 -33.47
N VAL D 102 -37.06 21.14 -32.55
CA VAL D 102 -38.49 21.06 -32.89
C VAL D 102 -39.05 22.46 -33.14
N GLY D 103 -38.62 23.44 -32.36
CA GLY D 103 -39.09 24.80 -32.60
C GLY D 103 -38.61 25.36 -33.92
N VAL D 104 -37.40 25.02 -34.32
CA VAL D 104 -36.85 25.48 -35.59
C VAL D 104 -37.61 24.84 -36.75
N LEU D 105 -37.88 23.53 -36.63
CA LEU D 105 -38.65 22.86 -37.68
C LEU D 105 -40.07 23.40 -37.73
N ILE D 106 -40.68 23.67 -36.58
CA ILE D 106 -42.05 24.17 -36.59
C ILE D 106 -42.11 25.53 -37.26
N GLY D 107 -41.18 26.42 -36.91
CA GLY D 107 -41.16 27.73 -37.54
C GLY D 107 -40.92 27.68 -39.04
N GLY D 108 -40.08 26.76 -39.49
CA GLY D 108 -39.82 26.66 -40.91
C GLY D 108 -41.02 26.15 -41.68
N LEU D 109 -41.79 25.26 -41.05
CA LEU D 109 -43.01 24.76 -41.67
C LEU D 109 -44.16 25.72 -41.54
N GLU D 110 -44.13 26.61 -40.55
CA GLU D 110 -45.20 27.59 -40.41
C GLU D 110 -45.05 28.76 -41.37
N TRP D 111 -43.85 28.95 -41.94
CA TRP D 111 -43.66 30.02 -42.90
C TRP D 111 -44.60 29.88 -44.08
N ASN D 112 -44.79 28.65 -44.57
CA ASN D 112 -45.73 28.39 -45.65
C ASN D 112 -47.13 28.06 -45.15
N ASP D 113 -47.52 28.65 -44.02
CA ASP D 113 -48.90 28.58 -43.51
C ASP D 113 -49.36 27.16 -43.21
N ASN D 114 -48.44 26.27 -42.86
CA ASN D 114 -48.83 24.99 -42.31
C ASN D 114 -49.09 25.12 -40.82
N THR D 115 -49.98 24.27 -40.31
CA THR D 115 -50.19 24.20 -38.87
C THR D 115 -49.62 22.87 -38.38
N VAL D 116 -48.74 22.95 -37.39
CA VAL D 116 -47.95 21.79 -36.96
C VAL D 116 -48.35 21.42 -35.55
N ARG D 117 -48.52 20.12 -35.32
CA ARG D 117 -48.80 19.56 -34.01
C ARG D 117 -47.72 18.57 -33.65
N VAL D 118 -47.53 18.36 -32.34
CA VAL D 118 -46.50 17.47 -31.82
C VAL D 118 -47.17 16.29 -31.14
N SER D 119 -46.69 15.07 -31.42
CA SER D 119 -47.31 13.87 -30.89
C SER D 119 -47.38 13.93 -29.37
N GLU D 120 -48.34 13.20 -28.81
CA GLU D 120 -48.53 13.23 -27.36
C GLU D 120 -47.34 12.64 -26.62
N THR D 121 -46.63 11.68 -27.21
CA THR D 121 -45.44 11.15 -26.56
C THR D 121 -44.35 12.22 -26.47
N LEU D 122 -44.20 13.03 -27.51
CA LEU D 122 -43.18 14.06 -27.44
C LEU D 122 -43.53 15.11 -26.40
N GLN D 123 -44.82 15.45 -26.27
CA GLN D 123 -45.21 16.43 -25.27
C GLN D 123 -44.95 15.94 -23.85
N ARG D 124 -45.31 14.69 -23.55
CA ARG D 124 -45.17 14.20 -22.17
C ARG D 124 -43.71 14.12 -21.74
N PHE D 125 -42.81 13.76 -22.67
CA PHE D 125 -41.44 13.39 -22.29
C PHE D 125 -40.38 14.41 -22.67
N ALA D 126 -40.63 15.29 -23.64
CA ALA D 126 -39.65 16.31 -23.96
C ALA D 126 -39.99 17.68 -23.36
N TRP D 127 -41.25 17.88 -22.95
CA TRP D 127 -41.67 19.08 -22.24
C TRP D 127 -42.28 18.68 -20.89
N ARG D 128 -43.17 19.52 -20.35
CA ARG D 128 -43.95 19.14 -19.18
C ARG D 128 -45.18 20.03 -19.13
N SER D 129 -46.34 19.44 -18.89
CA SER D 129 -47.61 20.16 -18.93
C SER D 129 -47.69 21.26 -17.86
N SER E 4 -7.66 32.86 79.21
CA SER E 4 -7.22 33.14 77.86
C SER E 4 -7.33 31.94 76.95
N LEU E 5 -8.51 31.32 76.93
CA LEU E 5 -8.74 30.16 76.08
C LEU E 5 -9.18 30.55 74.68
N SER E 6 -10.01 31.60 74.55
CA SER E 6 -10.44 32.04 73.22
C SER E 6 -9.27 32.53 72.37
N GLN E 7 -8.18 32.98 72.99
CA GLN E 7 -6.99 33.31 72.23
C GLN E 7 -6.30 32.05 71.72
N ALA E 8 -6.13 31.06 72.60
CA ALA E 8 -5.43 29.85 72.21
C ALA E 8 -6.20 29.05 71.16
N SER E 9 -7.54 29.12 71.17
CA SER E 9 -8.32 28.50 70.12
C SER E 9 -7.96 29.08 68.75
N ALA E 10 -8.00 30.40 68.63
CA ALA E 10 -7.52 31.05 67.41
C ALA E 10 -6.02 30.87 67.21
N ASP E 11 -5.28 30.57 68.27
CA ASP E 11 -3.85 30.33 68.16
C ASP E 11 -3.58 29.11 67.29
N LEU E 12 -4.13 27.95 67.68
CA LEU E 12 -3.92 26.74 66.90
C LEU E 12 -4.90 26.60 65.74
N GLU E 13 -6.00 27.36 65.71
CA GLU E 13 -6.78 27.48 64.49
C GLU E 13 -5.97 28.15 63.39
N ALA E 14 -4.94 28.92 63.76
CA ALA E 14 -4.06 29.56 62.80
C ALA E 14 -2.89 28.66 62.40
N THR E 15 -2.37 27.86 63.33
CA THR E 15 -1.28 26.96 62.97
C THR E 15 -1.79 25.79 62.14
N LEU E 16 -2.93 25.20 62.53
CA LEU E 16 -3.53 24.13 61.75
C LEU E 16 -4.06 24.62 60.40
N ARG E 17 -4.37 25.91 60.26
CA ARG E 17 -4.78 26.43 58.96
C ARG E 17 -3.59 26.53 58.03
N HIS E 18 -2.48 27.09 58.52
CA HIS E 18 -1.24 27.11 57.75
C HIS E 18 -0.67 25.72 57.53
N LYS E 19 -1.00 24.76 58.39
CA LYS E 19 -0.51 23.40 58.19
C LYS E 19 -1.26 22.67 57.08
N LEU E 20 -2.52 23.03 56.83
CA LEU E 20 -3.24 22.44 55.71
C LEU E 20 -2.60 22.82 54.38
N THR E 21 -1.99 24.00 54.28
CA THR E 21 -1.28 24.36 53.06
C THR E 21 -0.04 23.50 52.88
N VAL E 22 0.70 23.26 53.97
CA VAL E 22 1.88 22.41 53.87
C VAL E 22 1.49 21.01 53.42
N MET E 23 0.42 20.47 54.01
CA MET E 23 -0.01 19.13 53.65
C MET E 23 -0.46 19.06 52.19
N TYR E 24 -1.24 20.04 51.75
CA TYR E 24 -1.74 20.04 50.38
C TYR E 24 -0.59 20.04 49.36
N SER E 25 0.53 20.71 49.67
CA SER E 25 1.67 20.66 48.76
C SER E 25 2.41 19.32 48.83
N GLN E 26 2.27 18.59 49.94
CA GLN E 26 2.94 17.31 50.05
C GLN E 26 2.22 16.23 49.26
N ILE E 27 0.89 16.23 49.27
CA ILE E 27 0.14 15.21 48.53
C ILE E 27 0.20 15.50 47.03
N ASN E 28 0.36 16.76 46.65
CA ASN E 28 0.65 17.06 45.24
C ASN E 28 2.06 16.60 44.88
N GLY E 29 3.03 16.85 45.75
CA GLY E 29 4.37 16.37 45.51
C GLY E 29 4.45 14.86 45.41
N ALA E 30 3.62 14.17 46.21
CA ALA E 30 3.57 12.71 46.14
C ALA E 30 2.89 12.23 44.87
N SER E 31 1.88 12.96 44.38
CA SER E 31 1.27 12.62 43.10
C SER E 31 2.28 12.73 41.96
N ARG E 32 3.04 13.83 41.93
CA ARG E 32 4.08 13.95 40.91
C ARG E 32 5.12 12.84 41.03
N ALA E 33 5.40 12.38 42.25
CA ALA E 33 6.37 11.29 42.43
C ALA E 33 5.80 9.97 41.94
N LEU E 34 4.51 9.73 42.18
CA LEU E 34 3.87 8.52 41.66
C LEU E 34 3.86 8.52 40.14
N ASP E 35 3.46 9.64 39.54
CA ASP E 35 3.52 9.76 38.09
C ASP E 35 4.91 9.46 37.58
N ASP E 36 5.94 9.93 38.29
CA ASP E 36 7.31 9.71 37.84
C ASP E 36 7.63 8.23 37.77
N VAL E 37 7.25 7.46 38.80
CA VAL E 37 7.58 6.04 38.83
C VAL E 37 6.84 5.27 37.75
N ARG E 38 5.54 5.54 37.56
CA ARG E 38 4.80 4.91 36.48
C ARG E 38 5.44 5.19 35.12
N ASN E 39 5.92 6.41 34.92
CA ASN E 39 6.57 6.75 33.65
C ASN E 39 7.90 6.03 33.52
N ARG E 40 8.66 5.91 34.61
CA ARG E 40 9.91 5.17 34.56
C ARG E 40 9.65 3.71 34.19
N GLN E 41 8.55 3.14 34.70
CA GLN E 41 8.18 1.77 34.36
C GLN E 41 7.85 1.62 32.88
N GLN E 42 7.07 2.54 32.33
CA GLN E 42 6.77 2.48 30.90
C GLN E 42 8.05 2.53 30.08
N ASP E 43 9.01 3.37 30.48
CA ASP E 43 10.25 3.48 29.73
C ASP E 43 11.00 2.15 29.69
N VAL E 44 11.09 1.44 30.82
CA VAL E 44 11.80 0.16 30.78
C VAL E 44 11.03 -0.89 29.97
N ARG E 45 9.71 -0.78 29.87
CA ARG E 45 8.99 -1.67 28.96
C ARG E 45 9.37 -1.39 27.52
N MET E 46 9.30 -0.13 27.10
CA MET E 46 9.70 0.23 25.73
C MET E 46 11.09 -0.29 25.42
N THR E 47 12.03 -0.08 26.36
CA THR E 47 13.40 -0.51 26.13
C THR E 47 13.47 -2.02 25.97
N ALA E 48 12.79 -2.76 26.85
CA ALA E 48 12.84 -4.21 26.81
C ALA E 48 12.19 -4.75 25.54
N ASN E 49 10.99 -4.25 25.24
CA ASN E 49 10.27 -4.69 24.06
C ASN E 49 11.07 -4.44 22.78
N ARG E 50 11.72 -3.28 22.67
CA ARG E 50 12.52 -3.01 21.49
C ARG E 50 13.67 -3.99 21.37
N LYS E 51 14.29 -4.33 22.50
CA LYS E 51 15.42 -5.27 22.48
C LYS E 51 14.99 -6.65 22.03
N VAL E 52 13.79 -7.11 22.42
CA VAL E 52 13.41 -8.42 21.93
C VAL E 52 13.07 -8.34 20.45
N GLU E 53 12.53 -7.22 19.97
CA GLU E 53 12.30 -7.10 18.54
C GLU E 53 13.60 -7.15 17.77
N GLN E 54 14.65 -6.50 18.28
CA GLN E 54 15.94 -6.58 17.63
C GLN E 54 16.52 -7.99 17.68
N LEU E 55 16.22 -8.76 18.73
CA LEU E 55 16.66 -10.15 18.76
C LEU E 55 15.98 -10.95 17.66
N GLN E 56 14.65 -10.84 17.61
CA GLN E 56 13.85 -11.58 16.63
C GLN E 56 14.27 -11.28 15.21
N GLN E 57 14.69 -10.05 14.92
CA GLN E 57 15.19 -9.77 13.58
C GLN E 57 16.53 -10.46 13.34
N GLU E 58 17.34 -10.65 14.37
CA GLU E 58 18.58 -11.41 14.19
C GLU E 58 18.27 -12.88 13.93
N TYR E 59 17.38 -13.49 14.73
CA TYR E 59 17.06 -14.88 14.53
C TYR E 59 16.28 -15.13 13.25
N THR E 60 15.52 -14.15 12.72
CA THR E 60 14.86 -14.36 11.42
C THR E 60 15.87 -14.34 10.28
N GLU E 61 16.93 -13.55 10.41
CA GLU E 61 18.05 -13.66 9.49
C GLU E 61 18.68 -15.04 9.56
N MET E 62 19.17 -15.42 10.75
CA MET E 62 19.81 -16.71 10.95
C MET E 62 19.00 -17.85 10.33
N LYS E 63 17.68 -17.85 10.55
CA LYS E 63 16.85 -18.90 9.97
C LYS E 63 16.88 -18.84 8.46
N ALA E 64 16.81 -17.63 7.90
CA ALA E 64 16.82 -17.46 6.45
C ALA E 64 18.17 -17.85 5.84
N LEU E 65 19.24 -17.82 6.64
CA LEU E 65 20.56 -18.26 6.20
C LEU E 65 20.73 -19.76 6.28
N LEU E 66 20.16 -20.41 7.30
CA LEU E 66 20.05 -21.86 7.25
C LEU E 66 19.27 -22.29 6.02
N ASP E 67 18.20 -21.56 5.69
CA ASP E 67 17.39 -21.88 4.51
C ASP E 67 18.22 -21.80 3.24
N ALA E 68 19.07 -20.78 3.14
CA ALA E 68 19.96 -20.64 1.99
C ALA E 68 20.98 -21.77 1.97
N SER E 69 21.58 -22.08 3.12
CA SER E 69 22.56 -23.15 3.15
C SER E 69 21.91 -24.47 2.81
N GLU E 70 20.68 -24.69 3.29
CA GLU E 70 19.98 -25.93 3.00
C GLU E 70 19.64 -26.06 1.52
N THR E 71 19.18 -24.97 0.88
CA THR E 71 18.84 -25.06 -0.54
C THR E 71 20.08 -25.30 -1.40
N THR E 72 21.23 -24.69 -1.08
CA THR E 72 22.39 -24.90 -1.95
C THR E 72 22.98 -26.30 -1.74
N SER E 73 22.96 -26.80 -0.49
CA SER E 73 23.38 -28.18 -0.27
C SER E 73 22.42 -29.16 -0.92
N THR E 74 21.13 -28.87 -0.86
CA THR E 74 20.17 -29.71 -1.56
C THR E 74 20.36 -29.62 -3.07
N ARG E 75 20.75 -28.45 -3.58
CA ARG E 75 21.01 -28.37 -5.03
C ARG E 75 22.31 -29.08 -5.39
N LYS E 76 23.32 -28.98 -4.52
CA LYS E 76 24.56 -29.74 -4.67
C LYS E 76 24.38 -31.25 -4.58
N ILE E 77 23.21 -31.78 -4.22
CA ILE E 77 22.99 -33.22 -4.21
C ILE E 77 22.19 -33.66 -5.42
N LYS E 78 21.23 -32.84 -5.84
CA LYS E 78 20.37 -33.21 -6.95
C LYS E 78 21.07 -32.99 -8.30
N GLU E 79 21.96 -31.99 -8.39
CA GLU E 79 22.76 -31.82 -9.60
C GLU E 79 23.73 -32.99 -9.80
N GLU E 80 24.08 -33.69 -8.72
CA GLU E 80 24.93 -34.88 -8.81
C GLU E 80 24.11 -36.12 -9.12
N GLU E 81 22.90 -36.21 -8.58
CA GLU E 81 21.96 -37.19 -9.07
C GLU E 81 21.76 -37.02 -10.58
N LYS E 82 21.42 -35.81 -11.03
CA LYS E 82 21.14 -35.62 -12.44
C LYS E 82 22.38 -35.74 -13.31
N ARG E 83 23.58 -35.57 -12.73
CA ARG E 83 24.80 -35.84 -13.48
C ARG E 83 24.93 -37.31 -13.86
N VAL E 84 24.80 -38.22 -12.88
CA VAL E 84 24.93 -39.63 -13.23
C VAL E 84 23.68 -40.10 -13.99
N ASN E 85 22.50 -39.60 -13.60
CA ASN E 85 21.27 -40.10 -14.21
C ASN E 85 21.11 -39.66 -15.66
N SER E 86 21.77 -38.58 -16.07
CA SER E 86 21.71 -38.26 -17.48
C SER E 86 22.77 -39.03 -18.27
N LYS E 87 23.93 -39.31 -17.66
CA LYS E 87 24.90 -40.17 -18.35
C LYS E 87 24.35 -41.57 -18.54
N PHE E 88 23.52 -42.04 -17.61
CA PHE E 88 22.78 -43.27 -17.83
C PHE E 88 21.75 -43.12 -18.94
N ASP E 89 21.14 -41.94 -19.07
CA ASP E 89 20.14 -41.74 -20.11
C ASP E 89 20.77 -41.89 -21.49
N THR E 90 21.94 -41.28 -21.70
CA THR E 90 22.59 -41.44 -22.99
C THR E 90 22.99 -42.90 -23.21
N ILE E 91 23.36 -43.59 -22.13
CA ILE E 91 23.70 -45.01 -22.24
C ILE E 91 22.45 -45.82 -22.58
N TYR E 92 21.32 -45.51 -21.95
CA TYR E 92 20.08 -46.18 -22.32
C TYR E 92 19.78 -46.00 -23.79
N GLN E 93 20.06 -44.82 -24.33
CA GLN E 93 19.63 -44.54 -25.70
C GLN E 93 20.47 -45.29 -26.71
N ILE E 94 21.77 -45.44 -26.46
CA ILE E 94 22.60 -46.12 -27.45
C ILE E 94 22.41 -47.62 -27.36
N LEU E 95 22.06 -48.14 -26.19
CA LEU E 95 21.69 -49.54 -26.08
C LEU E 95 20.34 -49.80 -26.74
N LEU E 96 19.39 -48.87 -26.60
CA LEU E 96 18.11 -49.06 -27.25
C LEU E 96 18.24 -48.99 -28.76
N LYS E 97 19.09 -48.10 -29.26
CA LYS E 97 19.29 -47.99 -30.70
C LYS E 97 19.85 -49.29 -31.27
N LYS E 98 20.81 -49.90 -30.56
CA LYS E 98 21.31 -51.20 -30.98
C LYS E 98 20.22 -52.26 -30.89
N LYS E 99 19.42 -52.24 -29.83
CA LYS E 99 18.26 -53.13 -29.77
C LYS E 99 17.31 -52.91 -30.95
N SER E 100 17.20 -51.68 -31.44
CA SER E 100 16.31 -51.42 -32.58
C SER E 100 16.93 -51.87 -33.89
N GLU E 101 18.24 -51.68 -34.03
CA GLU E 101 18.91 -52.13 -35.26
C GLU E 101 18.87 -53.64 -35.39
N ILE E 102 19.13 -54.37 -34.30
CA ILE E 102 19.03 -55.82 -34.34
C ILE E 102 17.60 -56.26 -34.59
N GLN E 103 16.64 -55.64 -33.88
CA GLN E 103 15.24 -55.95 -34.10
C GLN E 103 14.84 -55.66 -35.55
N THR E 104 15.32 -54.55 -36.10
CA THR E 104 14.99 -54.20 -37.49
C THR E 104 15.57 -55.22 -38.46
N LEU E 105 16.87 -55.50 -38.33
CA LEU E 105 17.51 -56.43 -39.24
C LEU E 105 16.92 -57.84 -39.12
N LYS E 106 16.56 -58.24 -37.90
CA LYS E 106 15.93 -59.55 -37.73
C LYS E 106 14.62 -59.64 -38.50
N GLU E 107 13.85 -58.55 -38.54
CA GLU E 107 12.58 -58.58 -39.27
C GLU E 107 12.80 -58.69 -40.77
N GLU E 108 13.84 -58.03 -41.30
CA GLU E 108 14.16 -58.17 -42.72
C GLU E 108 14.57 -59.59 -43.06
N ILE E 109 15.36 -60.22 -42.17
CA ILE E 109 15.73 -61.61 -42.39
C ILE E 109 14.52 -62.52 -42.27
N GLU E 110 13.56 -62.17 -41.41
CA GLU E 110 12.38 -63.02 -41.23
C GLU E 110 11.46 -62.99 -42.45
N GLN E 111 11.28 -61.82 -43.06
CA GLN E 111 10.45 -61.73 -44.26
C GLN E 111 11.25 -61.79 -45.55
N SER E 112 12.57 -61.93 -45.47
CA SER E 112 13.31 -62.40 -46.63
C SER E 112 13.21 -63.91 -46.76
N LEU E 113 13.09 -64.61 -45.63
CA LEU E 113 12.96 -66.05 -45.60
C LEU E 113 11.51 -66.51 -45.71
N THR E 114 10.56 -65.60 -45.93
CA THR E 114 9.21 -66.01 -46.30
C THR E 114 9.03 -66.05 -47.81
N LYS E 115 9.84 -65.28 -48.53
CA LYS E 115 9.95 -65.38 -49.98
C LYS E 115 11.25 -66.08 -50.36
N ARG E 116 11.53 -67.19 -49.68
CA ARG E 116 12.82 -67.87 -49.75
C ARG E 116 12.90 -68.89 -50.88
N ASP E 117 11.79 -69.51 -51.26
CA ASP E 117 11.79 -70.49 -52.34
C ASP E 117 11.56 -69.85 -53.70
N GLU E 118 11.21 -68.57 -53.73
CA GLU E 118 11.47 -67.76 -54.91
C GLU E 118 12.92 -67.95 -55.33
N PHE E 119 13.13 -68.12 -56.64
CA PHE E 119 14.47 -68.41 -57.13
C PHE E 119 15.46 -67.31 -56.74
N GLU E 120 15.05 -66.04 -56.83
CA GLU E 120 15.90 -64.88 -56.60
C GLU E 120 16.19 -64.59 -55.13
N PHE E 121 15.94 -65.55 -54.23
CA PHE E 121 16.19 -65.31 -52.81
C PHE E 121 17.67 -65.08 -52.54
N LEU E 122 18.53 -65.86 -53.21
CA LEU E 122 19.96 -65.84 -52.90
C LEU E 122 20.57 -64.45 -53.10
N GLU E 123 20.21 -63.78 -54.19
CA GLU E 123 20.77 -62.45 -54.43
C GLU E 123 20.28 -61.47 -53.36
N LYS E 124 18.99 -61.53 -53.05
CA LYS E 124 18.41 -60.59 -52.09
C LYS E 124 18.97 -60.77 -50.68
N ALA E 125 19.42 -61.98 -50.35
CA ALA E 125 19.73 -62.36 -48.99
C ALA E 125 21.22 -62.52 -48.69
N SER E 126 22.09 -62.62 -49.71
CA SER E 126 23.52 -62.57 -49.45
C SER E 126 23.92 -61.25 -48.80
N LYS E 127 23.07 -60.23 -48.96
CA LYS E 127 23.29 -58.94 -48.30
C LYS E 127 23.23 -59.06 -46.78
N LEU E 128 22.44 -60.00 -46.26
CA LEU E 128 22.04 -59.93 -44.86
C LEU E 128 22.96 -60.70 -43.92
N ARG E 129 23.65 -61.75 -44.40
CA ARG E 129 24.54 -62.49 -43.51
C ARG E 129 25.72 -61.63 -43.04
N GLY E 130 26.06 -60.58 -43.79
CA GLY E 130 27.23 -59.79 -43.45
C GLY E 130 27.00 -58.82 -42.30
N ILE E 131 25.79 -58.29 -42.16
CA ILE E 131 25.50 -57.32 -41.11
C ILE E 131 25.62 -58.01 -39.75
N SER E 132 26.50 -57.49 -38.90
CA SER E 132 26.65 -57.95 -37.53
C SER E 132 27.29 -56.84 -36.69
N THR E 133 26.60 -55.73 -36.56
CA THR E 133 27.11 -54.61 -35.78
C THR E 133 27.05 -54.98 -34.30
N LYS E 134 28.20 -55.40 -33.75
CA LYS E 134 28.31 -55.76 -32.34
C LYS E 134 29.47 -55.00 -31.71
N PRO E 135 29.36 -53.66 -31.60
CA PRO E 135 30.44 -52.90 -30.98
C PRO E 135 30.01 -52.27 -29.66
N VAL E 136 30.41 -51.00 -29.50
CA VAL E 136 30.03 -50.11 -28.41
C VAL E 136 30.63 -50.60 -27.09
N TYR E 137 31.42 -49.72 -26.47
CA TYR E 137 31.95 -49.92 -25.12
C TYR E 137 31.37 -48.82 -24.24
N ILE E 138 30.86 -49.20 -23.09
CA ILE E 138 30.24 -48.26 -22.16
C ILE E 138 31.12 -48.19 -20.91
N PRO E 139 31.81 -47.09 -20.66
CA PRO E 139 32.57 -46.97 -19.41
C PRO E 139 31.64 -46.86 -18.22
N GLU E 140 32.12 -47.38 -17.09
CA GLU E 140 31.29 -47.42 -15.89
C GLU E 140 31.00 -46.02 -15.37
N VAL E 141 29.73 -45.79 -15.02
CA VAL E 141 29.30 -44.56 -14.36
C VAL E 141 29.27 -44.80 -12.87
N GLU E 142 29.74 -43.81 -12.10
CA GLU E 142 29.92 -43.97 -10.66
C GLU E 142 29.37 -42.76 -9.94
N LEU E 143 28.32 -42.98 -9.15
CA LEU E 143 27.83 -41.92 -8.27
C LEU E 143 28.89 -41.56 -7.24
N ASN E 144 29.04 -40.26 -6.99
CA ASN E 144 30.08 -39.76 -6.11
C ASN E 144 29.61 -39.83 -4.66
N HIS E 145 29.69 -41.04 -4.09
CA HIS E 145 29.20 -41.27 -2.73
C HIS E 145 29.95 -40.42 -1.70
N LYS E 146 31.27 -40.35 -1.79
CA LYS E 146 32.05 -39.57 -0.82
C LYS E 146 31.59 -38.12 -0.80
N LEU E 147 31.15 -37.59 -1.93
CA LEU E 147 30.73 -36.20 -2.00
C LEU E 147 29.46 -35.96 -1.20
N ILE E 148 28.41 -36.77 -1.46
CA ILE E 148 27.13 -36.53 -0.80
C ILE E 148 27.15 -37.01 0.65
N LYS E 149 27.88 -38.08 0.97
CA LYS E 149 28.05 -38.43 2.37
C LYS E 149 28.82 -37.35 3.12
N GLY E 150 29.75 -36.67 2.45
CA GLY E 150 30.50 -35.60 3.08
C GLY E 150 29.69 -34.34 3.28
N ILE E 151 28.80 -34.04 2.33
CA ILE E 151 27.87 -32.92 2.51
C ILE E 151 27.00 -33.15 3.73
N HIS E 152 26.56 -34.40 3.93
CA HIS E 152 25.75 -34.71 5.10
C HIS E 152 26.57 -34.62 6.37
N GLN E 153 27.75 -35.25 6.38
CA GLN E 153 28.60 -35.20 7.56
C GLN E 153 29.00 -33.77 7.92
N SER E 154 29.31 -32.95 6.92
CA SER E 154 29.70 -31.57 7.19
C SER E 154 28.52 -30.72 7.64
N THR E 155 27.30 -31.18 7.37
CA THR E 155 26.11 -30.49 7.86
C THR E 155 25.88 -30.82 9.33
N ILE E 156 26.12 -32.07 9.71
CA ILE E 156 26.11 -32.43 11.12
C ILE E 156 27.14 -31.61 11.88
N ASP E 157 28.32 -31.43 11.30
CA ASP E 157 29.34 -30.61 11.94
C ASP E 157 28.85 -29.19 12.14
N LEU E 158 28.22 -28.61 11.10
CA LEU E 158 27.65 -27.28 11.23
C LEU E 158 26.66 -27.20 12.40
N LYS E 159 25.85 -28.25 12.59
CA LYS E 159 24.88 -28.24 13.68
C LYS E 159 25.59 -28.26 15.02
N ASN E 160 26.56 -29.16 15.19
CA ASN E 160 27.31 -29.21 16.43
C ASN E 160 28.06 -27.89 16.67
N GLU E 161 28.60 -27.30 15.60
CA GLU E 161 29.26 -26.00 15.76
C GLU E 161 28.26 -24.95 16.25
N LEU E 162 27.05 -24.97 15.70
CA LEU E 162 26.03 -24.02 16.11
C LEU E 162 25.61 -24.24 17.54
N LYS E 163 25.45 -25.50 17.95
CA LYS E 163 25.07 -25.78 19.33
C LYS E 163 26.13 -25.29 20.31
N GLN E 164 27.41 -25.27 19.89
CA GLN E 164 28.45 -24.75 20.76
C GLN E 164 28.51 -23.22 20.73
N CYS E 165 28.23 -22.62 19.58
CA CYS E 165 28.18 -21.16 19.49
C CYS E 165 27.07 -20.59 20.36
N ILE E 166 25.92 -21.26 20.37
CA ILE E 166 24.82 -20.83 21.23
C ILE E 166 25.23 -20.96 22.70
N GLY E 167 25.90 -22.06 23.04
CA GLY E 167 26.30 -22.26 24.43
C GLY E 167 27.22 -21.15 24.95
N ARG E 168 28.15 -20.71 24.10
CA ARG E 168 29.05 -19.62 24.48
C ARG E 168 28.33 -18.30 24.63
N LEU E 169 27.19 -18.14 23.96
CA LEU E 169 26.42 -16.91 24.06
C LEU E 169 25.62 -16.88 25.35
N GLN E 170 24.86 -17.93 25.62
CA GLN E 170 23.98 -17.94 26.78
C GLN E 170 24.74 -18.02 28.10
N GLU E 171 25.99 -18.47 28.10
CA GLU E 171 26.71 -18.55 29.37
C GLU E 171 27.26 -17.20 29.82
N LEU E 172 27.16 -16.18 28.97
CA LEU E 172 27.63 -14.85 29.31
C LEU E 172 26.69 -14.11 30.25
N THR E 173 25.43 -14.54 30.33
CA THR E 173 24.42 -13.83 31.09
C THR E 173 23.71 -14.76 32.06
N PRO E 174 23.21 -14.22 33.15
CA PRO E 174 22.50 -15.05 34.15
C PRO E 174 21.14 -15.48 33.66
N SER E 175 20.66 -16.57 34.25
CA SER E 175 19.34 -17.10 33.97
C SER E 175 18.49 -17.08 35.24
N SER E 176 17.17 -17.10 35.05
CA SER E 176 16.24 -17.06 36.18
C SER E 176 16.26 -18.36 36.98
N ALA F 10 23.53 -13.43 0.76
CA ALA F 10 24.27 -12.52 -0.10
C ALA F 10 25.03 -13.31 -1.15
N SER F 11 24.82 -12.95 -2.43
CA SER F 11 25.40 -13.67 -3.56
C SER F 11 25.81 -12.66 -4.61
N ARG F 12 27.10 -12.65 -4.97
CA ARG F 12 27.67 -11.60 -5.79
C ARG F 12 28.43 -12.21 -6.96
N TYR F 13 28.57 -11.44 -8.04
CA TYR F 13 29.39 -11.81 -9.19
C TYR F 13 30.50 -10.78 -9.34
N LEU F 14 31.74 -11.23 -9.33
CA LEU F 14 32.91 -10.35 -9.42
C LEU F 14 33.45 -10.38 -10.85
N THR F 15 33.68 -9.20 -11.41
CA THR F 15 34.16 -9.08 -12.79
C THR F 15 35.45 -8.25 -12.82
N ASP F 16 36.58 -8.93 -12.65
CA ASP F 16 37.86 -8.30 -12.87
C ASP F 16 38.03 -7.88 -14.33
N MET F 17 37.55 -8.71 -15.24
CA MET F 17 37.76 -8.53 -16.67
C MET F 17 36.54 -7.88 -17.31
N THR F 18 36.83 -7.10 -18.36
CA THR F 18 35.80 -6.45 -19.16
C THR F 18 35.16 -7.46 -20.10
N LEU F 19 34.05 -7.04 -20.71
CA LEU F 19 33.41 -7.87 -21.71
C LEU F 19 34.37 -8.23 -22.83
N GLU F 20 35.21 -7.26 -23.23
CA GLU F 20 36.18 -7.47 -24.29
C GLU F 20 37.29 -8.43 -23.86
N GLU F 21 37.88 -8.19 -22.69
CA GLU F 21 38.91 -9.11 -22.20
C GLU F 21 38.38 -10.53 -22.08
N MET F 22 37.10 -10.69 -21.76
CA MET F 22 36.55 -12.03 -21.62
C MET F 22 36.44 -12.73 -22.96
N SER F 23 36.13 -11.99 -24.02
CA SER F 23 35.96 -12.54 -25.35
C SER F 23 37.18 -12.34 -26.23
N ARG F 24 38.21 -11.64 -25.76
CA ARG F 24 39.39 -11.47 -26.60
C ARG F 24 40.06 -12.82 -26.82
N GLU F 25 40.77 -12.92 -27.93
CA GLU F 25 41.47 -14.14 -28.28
C GLU F 25 42.97 -13.92 -28.14
N TRP F 26 43.66 -15.00 -27.79
CA TRP F 26 45.10 -14.92 -27.62
C TRP F 26 45.70 -16.25 -28.06
N SER F 27 46.95 -16.21 -28.50
CA SER F 27 47.72 -17.41 -28.83
C SER F 27 49.03 -17.41 -28.07
N MET F 28 49.45 -18.59 -27.64
CA MET F 28 50.76 -18.76 -27.04
C MET F 28 51.80 -18.95 -28.13
N LEU F 29 52.88 -18.17 -28.06
CA LEU F 29 53.97 -18.38 -29.01
C LEU F 29 54.73 -19.65 -28.68
N ILE F 30 54.86 -19.97 -27.40
CA ILE F 30 55.36 -21.26 -26.94
C ILE F 30 54.33 -21.86 -25.99
N PRO F 31 53.42 -22.69 -26.49
CA PRO F 31 52.32 -23.19 -25.66
C PRO F 31 52.79 -24.10 -24.54
N LYS F 32 52.25 -23.88 -23.34
CA LYS F 32 52.40 -24.77 -22.21
C LYS F 32 51.00 -24.96 -21.63
N GLN F 33 50.58 -26.21 -21.48
CA GLN F 33 49.20 -26.50 -21.12
C GLN F 33 49.19 -27.66 -20.14
N LYS F 34 48.16 -27.70 -19.30
CA LYS F 34 48.07 -28.71 -18.25
C LYS F 34 46.62 -28.80 -17.78
N VAL F 35 46.13 -30.02 -17.60
CA VAL F 35 44.81 -30.25 -17.02
C VAL F 35 45.01 -30.55 -15.54
N ALA F 36 44.56 -29.64 -14.69
CA ALA F 36 44.70 -29.75 -13.25
C ALA F 36 43.34 -30.09 -12.63
N GLY F 37 42.94 -31.35 -12.78
CA GLY F 37 41.62 -31.77 -12.37
C GLY F 37 40.53 -31.14 -13.21
N PRO F 38 39.62 -30.41 -12.56
CA PRO F 38 38.51 -29.76 -13.28
C PRO F 38 38.84 -28.41 -13.90
N LEU F 39 40.11 -28.00 -13.92
CA LEU F 39 40.52 -26.73 -14.47
C LEU F 39 41.62 -26.95 -15.51
N CYS F 40 41.67 -26.09 -16.52
CA CYS F 40 42.70 -26.10 -17.55
C CYS F 40 43.62 -24.91 -17.35
N ILE F 41 44.93 -25.14 -17.33
CA ILE F 41 45.93 -24.10 -17.12
C ILE F 41 46.78 -23.97 -18.38
N ARG F 42 46.84 -22.75 -18.92
CA ARG F 42 47.60 -22.45 -20.13
C ARG F 42 48.48 -21.23 -19.87
N MET F 43 49.66 -21.21 -20.50
CA MET F 43 50.54 -20.06 -20.40
C MET F 43 51.54 -20.07 -21.54
N ASP F 44 52.08 -18.90 -21.84
CA ASP F 44 53.05 -18.71 -22.91
C ASP F 44 54.46 -18.76 -22.31
N GLN F 45 55.23 -19.79 -22.67
CA GLN F 45 56.57 -19.93 -22.11
C GLN F 45 57.52 -18.83 -22.57
N ALA F 46 57.17 -18.12 -23.64
CA ALA F 46 58.07 -17.11 -24.22
C ALA F 46 58.04 -15.79 -23.47
N ILE F 47 57.04 -15.58 -22.60
CA ILE F 47 56.95 -14.34 -21.85
C ILE F 47 57.99 -14.36 -20.74
N MET F 48 58.79 -13.29 -20.65
CA MET F 48 59.81 -13.23 -19.62
C MET F 48 60.06 -11.77 -19.23
N ASP F 49 60.40 -11.59 -17.95
CA ASP F 49 60.83 -10.31 -17.40
C ASP F 49 59.71 -9.27 -17.48
N LYS F 50 58.50 -9.69 -17.11
CA LYS F 50 57.32 -8.83 -17.15
C LYS F 50 56.62 -8.85 -15.80
N ASN F 51 55.77 -7.85 -15.58
CA ASN F 51 54.86 -7.79 -14.45
C ASN F 51 53.50 -8.31 -14.90
N ILE F 52 53.07 -9.42 -14.30
CA ILE F 52 51.80 -10.05 -14.64
C ILE F 52 50.81 -9.83 -13.51
N ILE F 53 49.55 -9.65 -13.89
CA ILE F 53 48.42 -9.53 -12.96
C ILE F 53 47.39 -10.58 -13.35
N LEU F 54 46.88 -11.30 -12.35
CA LEU F 54 45.88 -12.34 -12.56
C LEU F 54 44.50 -11.75 -12.26
N LYS F 55 43.65 -11.67 -13.27
CA LYS F 55 42.29 -11.14 -13.15
C LYS F 55 41.28 -12.25 -13.36
N ALA F 56 40.22 -12.26 -12.56
CA ALA F 56 39.25 -13.36 -12.65
C ALA F 56 37.82 -12.87 -12.57
N ASN F 57 36.92 -13.55 -13.29
CA ASN F 57 35.48 -13.36 -13.18
C ASN F 57 34.90 -14.60 -12.52
N PHE F 58 34.24 -14.41 -11.38
CA PHE F 58 33.80 -15.53 -10.57
C PHE F 58 32.66 -15.10 -9.65
N SER F 59 31.82 -16.07 -9.30
CA SER F 59 30.71 -15.81 -8.38
C SER F 59 31.11 -16.11 -6.95
N VAL F 60 30.43 -15.48 -6.02
CA VAL F 60 30.76 -15.57 -4.61
C VAL F 60 29.49 -15.84 -3.82
N ILE F 61 29.55 -16.79 -2.87
CA ILE F 61 28.43 -17.12 -2.00
C ILE F 61 28.94 -17.23 -0.56
N PHE F 62 28.23 -16.57 0.36
CA PHE F 62 28.62 -16.51 1.78
C PHE F 62 30.04 -15.97 1.94
N ASP F 63 30.41 -15.01 1.08
CA ASP F 63 31.70 -14.33 1.14
C ASP F 63 32.88 -15.26 0.85
N ARG F 64 32.63 -16.32 0.07
CA ARG F 64 33.66 -17.23 -0.41
C ARG F 64 33.50 -17.43 -1.91
N LEU F 65 34.60 -17.74 -2.59
CA LEU F 65 34.51 -18.09 -3.99
C LEU F 65 33.61 -19.30 -4.15
N GLU F 66 32.74 -19.25 -5.14
CA GLU F 66 31.78 -20.31 -5.42
C GLU F 66 32.06 -20.98 -6.75
N THR F 67 32.15 -20.20 -7.82
CA THR F 67 32.37 -20.77 -9.14
C THR F 67 33.23 -19.81 -9.95
N LEU F 68 34.38 -20.31 -10.41
CA LEU F 68 35.22 -19.57 -11.33
C LEU F 68 34.65 -19.67 -12.74
N ILE F 69 34.57 -18.54 -13.44
CA ILE F 69 34.18 -18.54 -14.84
C ILE F 69 35.40 -18.46 -15.76
N LEU F 70 36.29 -17.51 -15.51
CA LEU F 70 37.51 -17.38 -16.30
C LEU F 70 38.53 -16.59 -15.51
N LEU F 71 39.80 -16.99 -15.61
CA LEU F 71 40.91 -16.27 -14.99
C LEU F 71 42.00 -16.12 -16.05
N ARG F 72 42.49 -14.89 -16.23
CA ARG F 72 43.50 -14.65 -17.26
C ARG F 72 44.65 -13.84 -16.69
N ALA F 73 45.82 -14.00 -17.31
CA ALA F 73 47.04 -13.34 -16.90
C ALA F 73 47.35 -12.20 -17.86
N PHE F 74 47.58 -11.00 -17.32
CA PHE F 74 47.81 -9.81 -18.14
C PHE F 74 49.12 -9.15 -17.81
N THR F 75 49.86 -8.77 -18.85
CA THR F 75 51.04 -7.93 -18.71
C THR F 75 50.60 -6.47 -18.48
N GLU F 76 51.57 -5.64 -18.08
CA GLU F 76 51.28 -4.22 -17.91
C GLU F 76 50.75 -3.58 -19.19
N GLU F 77 51.09 -4.14 -20.35
CA GLU F 77 50.60 -3.67 -21.63
C GLU F 77 49.22 -4.26 -21.97
N GLY F 78 48.62 -5.04 -21.09
CA GLY F 78 47.28 -5.54 -21.30
C GLY F 78 47.16 -6.80 -22.14
N ALA F 79 48.26 -7.47 -22.45
CA ALA F 79 48.22 -8.68 -23.27
C ALA F 79 48.02 -9.91 -22.40
N ILE F 80 47.26 -10.86 -22.92
CA ILE F 80 47.00 -12.12 -22.23
C ILE F 80 48.19 -13.06 -22.45
N VAL F 81 48.73 -13.60 -21.36
CA VAL F 81 49.84 -14.54 -21.43
C VAL F 81 49.57 -15.83 -20.67
N GLY F 82 48.38 -16.00 -20.13
CA GLY F 82 48.07 -17.19 -19.37
C GLY F 82 46.60 -17.20 -19.00
N GLU F 83 46.12 -18.38 -18.64
CA GLU F 83 44.69 -18.55 -18.44
C GLU F 83 44.44 -19.74 -17.54
N ILE F 84 43.39 -19.64 -16.71
CA ILE F 84 42.85 -20.75 -15.92
C ILE F 84 41.35 -20.79 -16.22
N SER F 85 40.89 -21.87 -16.84
CA SER F 85 39.48 -21.98 -17.19
C SER F 85 38.96 -23.37 -16.83
N PRO F 86 37.68 -23.48 -16.46
CA PRO F 86 37.11 -24.80 -16.24
C PRO F 86 36.91 -25.54 -17.55
N LEU F 87 37.12 -26.84 -17.48
CA LEU F 87 36.83 -27.68 -18.63
C LEU F 87 35.34 -27.65 -18.91
N PRO F 88 34.94 -27.66 -20.18
CA PRO F 88 33.50 -27.76 -20.49
C PRO F 88 32.85 -29.01 -19.90
N SER F 89 33.47 -30.17 -20.05
CA SER F 89 32.99 -31.37 -19.40
C SER F 89 33.18 -31.29 -17.90
N LEU F 90 32.13 -31.69 -17.14
CA LEU F 90 32.10 -31.75 -15.68
C LEU F 90 32.90 -30.62 -15.05
N PRO F 91 32.41 -29.37 -15.13
CA PRO F 91 33.21 -28.24 -14.66
C PRO F 91 33.29 -28.16 -13.13
N GLY F 92 32.90 -29.22 -12.43
CA GLY F 92 32.78 -29.15 -10.99
C GLY F 92 34.08 -28.89 -10.25
N HIS F 93 34.28 -27.68 -9.73
CA HIS F 93 35.51 -27.32 -9.02
C HIS F 93 35.19 -26.57 -7.74
N THR F 94 36.21 -26.45 -6.88
CA THR F 94 36.09 -25.77 -5.59
C THR F 94 37.13 -24.66 -5.50
N ALA F 95 37.01 -23.85 -4.43
CA ALA F 95 38.00 -22.79 -4.21
C ALA F 95 39.40 -23.38 -4.04
N GLU F 96 39.50 -24.56 -3.44
CA GLU F 96 40.82 -25.19 -3.31
C GLU F 96 41.39 -25.56 -4.67
N ASP F 97 40.56 -26.03 -5.60
CA ASP F 97 41.04 -26.30 -6.94
C ASP F 97 41.56 -25.02 -7.61
N VAL F 98 40.86 -23.90 -7.43
CA VAL F 98 41.33 -22.64 -8.01
C VAL F 98 42.62 -22.18 -7.32
N LYS F 99 42.71 -22.36 -6.01
CA LYS F 99 43.90 -21.88 -5.31
C LYS F 99 45.14 -22.65 -5.75
N ASN F 100 45.02 -23.97 -5.86
CA ASN F 100 46.13 -24.77 -6.36
C ASN F 100 46.46 -24.41 -7.79
N ALA F 101 45.43 -24.31 -8.65
CA ALA F 101 45.68 -23.94 -10.04
C ALA F 101 46.40 -22.60 -10.13
N VAL F 102 46.01 -21.62 -9.29
CA VAL F 102 46.68 -20.33 -9.32
C VAL F 102 48.15 -20.46 -8.94
N GLY F 103 48.45 -21.31 -7.95
CA GLY F 103 49.84 -21.51 -7.58
C GLY F 103 50.66 -22.15 -8.68
N VAL F 104 50.06 -23.11 -9.38
CA VAL F 104 50.74 -23.75 -10.51
C VAL F 104 51.05 -22.73 -11.60
N LEU F 105 50.07 -21.89 -11.94
CA LEU F 105 50.29 -20.90 -13.00
C LEU F 105 51.30 -19.85 -12.56
N ILE F 106 51.31 -19.49 -11.28
CA ILE F 106 52.26 -18.49 -10.81
C ILE F 106 53.69 -19.03 -10.92
N GLY F 107 53.92 -20.25 -10.44
CA GLY F 107 55.25 -20.83 -10.54
C GLY F 107 55.71 -21.06 -11.97
N GLY F 108 54.76 -21.35 -12.87
CA GLY F 108 55.13 -21.54 -14.26
C GLY F 108 55.53 -20.24 -14.94
N LEU F 109 54.91 -19.14 -14.54
CA LEU F 109 55.27 -17.82 -15.03
C LEU F 109 56.51 -17.28 -14.34
N GLU F 110 56.71 -17.65 -13.06
CA GLU F 110 57.90 -17.19 -12.36
C GLU F 110 59.16 -17.85 -12.89
N TRP F 111 59.05 -18.98 -13.58
CA TRP F 111 60.22 -19.66 -14.10
C TRP F 111 61.01 -18.73 -15.00
N ASN F 112 60.33 -17.95 -15.85
CA ASN F 112 60.99 -16.99 -16.73
C ASN F 112 61.12 -15.61 -16.09
N ASP F 113 61.28 -15.54 -14.78
CA ASP F 113 61.57 -14.29 -14.06
C ASP F 113 60.45 -13.26 -14.22
N ASN F 114 59.22 -13.72 -14.46
CA ASN F 114 58.10 -12.81 -14.39
C ASN F 114 57.69 -12.59 -12.95
N THR F 115 57.06 -11.45 -12.70
CA THR F 115 56.60 -11.09 -11.38
C THR F 115 55.08 -11.09 -11.42
N VAL F 116 54.46 -12.04 -10.71
CA VAL F 116 53.03 -12.27 -10.77
C VAL F 116 52.39 -11.77 -9.49
N ARG F 117 51.30 -11.03 -9.63
CA ARG F 117 50.44 -10.64 -8.52
C ARG F 117 49.00 -10.99 -8.86
N VAL F 118 48.19 -11.12 -7.82
CA VAL F 118 46.81 -11.57 -7.93
C VAL F 118 45.89 -10.40 -7.60
N SER F 119 44.81 -10.26 -8.37
CA SER F 119 43.87 -9.16 -8.15
C SER F 119 43.34 -9.19 -6.72
N GLU F 120 43.00 -8.02 -6.21
CA GLU F 120 42.53 -7.95 -4.82
C GLU F 120 41.25 -8.75 -4.64
N THR F 121 40.39 -8.81 -5.65
CA THR F 121 39.18 -9.62 -5.53
C THR F 121 39.51 -11.09 -5.35
N LEU F 122 40.51 -11.59 -6.07
CA LEU F 122 40.88 -12.98 -5.86
C LEU F 122 41.47 -13.18 -4.48
N GLN F 123 42.20 -12.18 -3.95
CA GLN F 123 42.76 -12.30 -2.61
C GLN F 123 41.67 -12.38 -1.55
N ARG F 124 40.69 -11.47 -1.61
CA ARG F 124 39.69 -11.40 -0.54
C ARG F 124 38.83 -12.66 -0.49
N PHE F 125 38.50 -13.24 -1.65
CA PHE F 125 37.46 -14.26 -1.71
C PHE F 125 37.98 -15.67 -1.88
N ALA F 126 39.15 -15.85 -2.47
CA ALA F 126 39.69 -17.21 -2.55
C ALA F 126 40.57 -17.53 -1.32
N TRP F 127 41.28 -16.55 -0.78
CA TRP F 127 42.08 -16.73 0.42
C TRP F 127 41.45 -16.01 1.60
N ARG F 128 41.68 -16.53 2.80
CA ARG F 128 41.12 -15.91 3.99
C ARG F 128 42.14 -15.00 4.67
#